data_8IDO
#
_entry.id   8IDO
#
_cell.length_a   175.896
_cell.length_b   47.190
_cell.length_c   124.213
_cell.angle_alpha   90.00
_cell.angle_beta   90.00
_cell.angle_gamma   90.00
#
_symmetry.space_group_name_H-M   'P 21 21 2'
#
loop_
_entity.id
_entity.type
_entity.pdbx_description
1 polymer 'Spike protein S1'
2 polymer VHH-T148
3 branched alpha-D-mannopyranose-(1-3)-[alpha-D-mannopyranose-(1-6)]beta-D-mannopyranose-(1-4)-2-acetamido-2-deoxy-beta-D-glucopyranose-(1-4)-2-acetamido-2-deoxy-beta-D-glucopyranose
4 water water
#
loop_
_entity_poly.entity_id
_entity_poly.type
_entity_poly.pdbx_seq_one_letter_code
_entity_poly.pdbx_strand_id
1 'polypeptide(L)'
;EAKPSGSVVEQAEGVECDFSPLLSGTPPQVYNFKRLVFTNCNYNLTKLLSLFSVNDFTCSQISPAAIASNCYSSLILDYF
SYPLSMKSDLSVSSAGPISQFNYKQSFSNPTCLILATVPHNLTTITKPLKYSYINKCSRLLSDDRTEVPQLVNANQYSPC
VSIVPSTVWEDGDYYRKQLSPLEGGGWLVASGSTVAMTEQLQMGFGITVQYGTDTNSVCPKLEHHHHHH
;
B,A
2 'polypeptide(L)'
;QVQLQESGGGSVQAGGSLKLSCSVSGYTYSTYCIAWFRQVPGKEREGLAFIKNPEGNTDYADSVQGRFFISQDTVDNTVY
LSMNSLKPEDTATYYCAGAVSNWVCGMSIKSQGYGMDYWGKGTQVTVSSHHHHHH
;
C,D
#
# COMPACT_ATOMS: atom_id res chain seq x y z
N VAL A 15 17.99 -13.21 -2.49
CA VAL A 15 16.98 -12.78 -3.45
C VAL A 15 15.87 -13.85 -3.39
N GLU A 16 14.71 -13.60 -4.03
CA GLU A 16 13.45 -14.36 -3.96
C GLU A 16 13.13 -15.04 -2.62
N CYS A 17 11.98 -14.68 -2.04
CA CYS A 17 11.62 -15.16 -0.72
C CYS A 17 11.35 -16.66 -0.73
N ASP A 18 11.73 -17.34 0.34
CA ASP A 18 11.89 -18.80 0.37
C ASP A 18 10.68 -19.46 1.02
N PHE A 19 9.60 -19.55 0.24
CA PHE A 19 8.38 -20.18 0.74
C PHE A 19 8.42 -21.73 0.73
N SER A 20 9.41 -22.34 0.08
CA SER A 20 9.56 -23.81 0.07
C SER A 20 9.28 -24.52 1.39
N PRO A 21 9.76 -24.06 2.56
CA PRO A 21 9.63 -24.89 3.78
C PRO A 21 8.20 -25.18 4.14
N LEU A 22 7.26 -24.40 3.63
CA LEU A 22 5.86 -24.64 3.92
C LEU A 22 5.35 -25.86 3.17
N LEU A 23 5.93 -26.15 2.02
CA LEU A 23 5.42 -27.19 1.13
C LEU A 23 5.85 -28.58 1.53
N SER A 24 6.68 -28.74 2.56
CA SER A 24 7.21 -30.05 2.94
C SER A 24 7.11 -30.24 4.44
N GLY A 25 6.42 -31.28 4.87
CA GLY A 25 6.36 -31.71 6.26
C GLY A 25 4.95 -31.75 6.78
N THR A 26 4.84 -31.96 8.10
CA THR A 26 3.56 -31.89 8.78
C THR A 26 3.44 -30.54 9.47
N PRO A 27 2.57 -29.64 9.04
CA PRO A 27 2.44 -28.35 9.71
C PRO A 27 2.05 -28.54 11.16
N PRO A 28 2.62 -27.77 12.07
CA PRO A 28 2.28 -27.90 13.50
C PRO A 28 0.84 -27.47 13.81
N GLN A 29 0.41 -27.77 15.04
CA GLN A 29 -0.89 -27.29 15.47
C GLN A 29 -0.82 -25.81 15.79
N VAL A 30 -1.98 -25.21 16.02
CA VAL A 30 -2.06 -23.76 16.06
C VAL A 30 -1.19 -23.19 17.18
N TYR A 31 -1.10 -23.88 18.31
CA TYR A 31 -0.33 -23.36 19.42
C TYR A 31 1.16 -23.51 19.21
N ASN A 32 1.58 -24.36 18.27
CA ASN A 32 2.98 -24.52 17.89
C ASN A 32 3.25 -23.94 16.51
N PHE A 33 2.66 -22.78 16.22
CA PHE A 33 2.74 -22.27 14.86
C PHE A 33 4.20 -22.05 14.46
N LYS A 34 4.50 -22.38 13.22
CA LYS A 34 5.83 -22.19 12.64
C LYS A 34 5.91 -20.80 12.02
N ARG A 35 6.95 -20.07 12.37
CA ARG A 35 7.12 -18.68 11.97
C ARG A 35 8.32 -18.54 11.04
N LEU A 36 8.07 -18.15 9.79
CA LEU A 36 9.10 -17.86 8.81
C LEU A 36 9.24 -16.35 8.62
N VAL A 37 10.48 -15.85 8.74
CA VAL A 37 10.79 -14.42 8.68
C VAL A 37 11.54 -14.13 7.39
N PHE A 38 11.10 -13.13 6.65
CA PHE A 38 11.72 -12.80 5.38
C PHE A 38 12.19 -11.34 5.40
N THR A 39 13.49 -11.14 5.16
CA THR A 39 14.09 -9.85 4.87
C THR A 39 14.92 -9.99 3.60
N ASN A 40 15.19 -8.84 2.97
CA ASN A 40 15.96 -8.73 1.72
C ASN A 40 15.68 -9.87 0.77
N CYS A 41 14.48 -9.89 0.21
CA CYS A 41 14.05 -10.92 -0.72
C CYS A 41 12.82 -10.39 -1.42
N ASN A 42 12.68 -10.69 -2.70
CA ASN A 42 11.44 -10.39 -3.39
C ASN A 42 10.51 -11.59 -3.26
N TYR A 43 9.21 -11.33 -3.11
CA TYR A 43 8.26 -12.39 -2.86
C TYR A 43 7.25 -12.47 -3.99
N ASN A 44 6.53 -13.59 -4.04
CA ASN A 44 5.34 -13.69 -4.90
C ASN A 44 4.30 -14.44 -4.09
N LEU A 45 3.43 -13.69 -3.43
CA LEU A 45 2.43 -14.34 -2.60
C LEU A 45 1.35 -14.99 -3.45
N THR A 46 0.93 -14.32 -4.54
CA THR A 46 -0.14 -14.85 -5.40
C THR A 46 0.21 -16.24 -5.93
N LYS A 47 1.48 -16.49 -6.24
CA LYS A 47 1.90 -17.82 -6.63
C LYS A 47 1.71 -18.81 -5.50
N LEU A 48 2.13 -18.43 -4.29
CA LEU A 48 2.01 -19.29 -3.11
C LEU A 48 0.56 -19.68 -2.88
N LEU A 49 -0.34 -18.70 -2.91
CA LEU A 49 -1.75 -18.95 -2.69
C LEU A 49 -2.38 -19.74 -3.85
N SER A 50 -1.87 -19.58 -5.07
CA SER A 50 -2.41 -20.38 -6.17
C SER A 50 -2.13 -21.86 -5.96
N LEU A 51 -1.05 -22.19 -5.21
CA LEU A 51 -0.77 -23.56 -4.84
C LEU A 51 -1.77 -24.14 -3.85
N PHE A 52 -2.84 -23.41 -3.52
CA PHE A 52 -3.79 -23.89 -2.53
C PHE A 52 -5.20 -23.52 -2.95
N SER A 53 -6.15 -24.17 -2.31
CA SER A 53 -7.56 -23.81 -2.41
C SER A 53 -7.84 -22.87 -1.26
N VAL A 54 -7.91 -21.57 -1.54
CA VAL A 54 -8.00 -20.54 -0.51
C VAL A 54 -9.47 -20.34 -0.16
N ASN A 55 -9.81 -20.57 1.10
CA ASN A 55 -11.20 -20.50 1.54
C ASN A 55 -11.52 -19.21 2.25
N ASP A 56 -10.53 -18.56 2.85
CA ASP A 56 -10.77 -17.34 3.60
C ASP A 56 -9.47 -16.54 3.63
N PHE A 57 -9.60 -15.21 3.51
CA PHE A 57 -8.50 -14.27 3.34
C PHE A 57 -8.93 -12.89 3.87
N THR A 58 -8.83 -12.67 5.17
CA THR A 58 -9.10 -11.37 5.77
C THR A 58 -7.85 -10.72 6.33
N CYS A 59 -7.90 -9.40 6.43
CA CYS A 59 -6.74 -8.61 6.80
C CYS A 59 -7.15 -7.50 7.75
N SER A 60 -6.18 -7.08 8.55
CA SER A 60 -6.36 -5.95 9.46
C SER A 60 -5.31 -4.89 9.14
N GLN A 61 -5.76 -3.68 8.81
CA GLN A 61 -4.94 -2.50 8.49
C GLN A 61 -4.19 -2.65 7.18
N ILE A 62 -4.66 -3.54 6.31
CA ILE A 62 -4.10 -3.71 4.98
C ILE A 62 -5.12 -4.52 4.22
N SER A 63 -4.97 -4.58 2.93
CA SER A 63 -5.87 -5.33 2.09
C SER A 63 -5.14 -6.51 1.47
N PRO A 64 -5.87 -7.56 1.12
CA PRO A 64 -5.24 -8.67 0.36
C PRO A 64 -4.43 -8.20 -0.84
N ALA A 65 -4.99 -7.28 -1.64
CA ALA A 65 -4.26 -6.73 -2.77
C ALA A 65 -3.00 -6.00 -2.32
N ALA A 66 -3.11 -5.19 -1.26
CA ALA A 66 -1.95 -4.39 -0.85
C ALA A 66 -0.85 -5.28 -0.28
N ILE A 67 -1.21 -6.33 0.46
CA ILE A 67 -0.17 -7.11 1.09
C ILE A 67 0.58 -7.98 0.08
N ALA A 68 0.01 -8.26 -1.09
CA ALA A 68 0.75 -8.98 -2.12
C ALA A 68 1.55 -8.05 -3.03
N SER A 69 1.45 -6.73 -2.84
CA SER A 69 2.04 -5.79 -3.79
C SER A 69 2.80 -4.64 -3.13
N ASN A 70 3.26 -4.79 -1.90
CA ASN A 70 3.90 -3.70 -1.16
C ASN A 70 5.31 -4.11 -0.76
N CYS A 71 6.13 -3.10 -0.42
CA CYS A 71 7.50 -3.33 0.06
C CYS A 71 7.54 -3.11 1.57
N TYR A 72 8.12 -4.08 2.29
CA TYR A 72 8.20 -4.06 3.74
C TYR A 72 9.64 -4.17 4.20
N SER A 73 9.88 -3.83 5.47
CA SER A 73 11.18 -4.12 6.06
C SER A 73 11.29 -5.59 6.46
N SER A 74 10.18 -6.22 6.87
CA SER A 74 10.20 -7.67 7.02
C SER A 74 8.78 -8.23 6.84
N LEU A 75 8.72 -9.49 6.43
CA LEU A 75 7.46 -10.19 6.26
C LEU A 75 7.53 -11.45 7.10
N ILE A 76 6.53 -11.64 7.95
CA ILE A 76 6.44 -12.80 8.81
C ILE A 76 5.27 -13.66 8.36
N LEU A 77 5.53 -14.93 8.08
CA LEU A 77 4.49 -15.87 7.70
C LEU A 77 4.43 -16.98 8.75
N ASP A 78 3.30 -17.07 9.46
CA ASP A 78 3.01 -18.16 10.37
C ASP A 78 2.12 -19.16 9.66
N TYR A 79 2.32 -20.46 9.93
CA TYR A 79 1.43 -21.44 9.35
C TYR A 79 1.32 -22.63 10.28
N PHE A 80 0.21 -23.37 10.11
CA PHE A 80 -0.21 -24.39 11.05
C PHE A 80 -1.41 -25.11 10.47
N SER A 81 -1.63 -26.33 10.96
CA SER A 81 -2.86 -27.06 10.66
C SER A 81 -4.01 -26.42 11.39
N TYR A 82 -5.11 -26.21 10.67
CA TYR A 82 -6.28 -25.61 11.30
C TYR A 82 -7.51 -25.98 10.49
N PRO A 83 -8.51 -26.60 11.09
CA PRO A 83 -9.66 -27.05 10.32
C PRO A 83 -10.56 -25.88 9.95
N LEU A 84 -11.06 -25.89 8.72
CA LEU A 84 -11.89 -24.78 8.25
C LEU A 84 -13.17 -24.65 9.07
N SER A 85 -13.63 -25.73 9.69
CA SER A 85 -14.82 -25.67 10.53
C SER A 85 -14.62 -24.84 11.79
N MET A 86 -13.39 -24.48 12.15
CA MET A 86 -13.12 -23.64 13.30
C MET A 86 -12.90 -22.20 12.93
N LYS A 87 -13.39 -21.78 11.76
CA LYS A 87 -13.34 -20.36 11.39
C LYS A 87 -14.05 -19.49 12.43
N SER A 88 -15.20 -19.95 12.92
CA SER A 88 -15.90 -19.23 13.98
C SER A 88 -15.02 -18.99 15.19
N ASP A 89 -14.20 -19.97 15.57
CA ASP A 89 -13.34 -19.85 16.74
C ASP A 89 -12.26 -18.81 16.54
N LEU A 90 -12.04 -18.36 15.31
CA LEU A 90 -11.19 -17.20 15.11
C LEU A 90 -11.98 -15.90 15.16
N SER A 91 -13.20 -15.92 14.65
CA SER A 91 -14.00 -14.69 14.60
C SER A 91 -14.36 -14.23 16.00
N VAL A 92 -14.63 -15.17 16.89
CA VAL A 92 -14.93 -14.91 18.29
C VAL A 92 -13.81 -14.14 18.99
N SER A 93 -12.59 -14.18 18.44
CA SER A 93 -11.41 -13.41 18.90
C SER A 93 -11.12 -13.73 20.37
N SER A 94 -10.94 -12.73 21.25
CA SER A 94 -10.58 -13.05 22.63
C SER A 94 -11.72 -13.61 23.44
N ALA A 95 -12.90 -13.77 22.87
CA ALA A 95 -13.98 -14.43 23.55
C ALA A 95 -13.88 -15.95 23.47
N GLY A 96 -12.76 -16.50 22.98
CA GLY A 96 -12.61 -17.92 22.79
C GLY A 96 -11.18 -18.40 22.92
N PRO A 97 -10.99 -19.73 23.02
CA PRO A 97 -9.67 -20.30 23.31
C PRO A 97 -8.57 -19.97 22.32
N ILE A 98 -8.88 -19.82 21.02
CA ILE A 98 -7.80 -19.68 20.04
C ILE A 98 -7.02 -18.39 20.28
N SER A 99 -7.70 -17.25 20.27
CA SER A 99 -7.01 -15.98 20.55
C SER A 99 -6.60 -15.87 22.01
N GLN A 100 -7.30 -16.55 22.93
CA GLN A 100 -6.90 -16.49 24.35
C GLN A 100 -5.66 -17.31 24.62
N PHE A 101 -5.49 -18.47 23.95
CA PHE A 101 -4.54 -19.47 24.40
C PHE A 101 -3.59 -20.01 23.35
N ASN A 102 -3.80 -19.74 22.07
CA ASN A 102 -2.99 -20.46 21.09
C ASN A 102 -2.24 -19.51 20.18
N TYR A 103 -2.96 -18.54 19.61
CA TYR A 103 -2.40 -17.73 18.55
C TYR A 103 -3.24 -16.47 18.45
N LYS A 104 -2.57 -15.32 18.40
CA LYS A 104 -3.27 -14.04 18.34
C LYS A 104 -2.32 -13.04 17.70
N GLN A 105 -2.74 -12.45 16.58
CA GLN A 105 -1.87 -11.64 15.75
C GLN A 105 -1.75 -10.23 16.29
N SER A 106 -0.62 -9.60 15.96
CA SER A 106 -0.28 -8.27 16.44
C SER A 106 -1.40 -7.29 16.14
N PHE A 107 -1.51 -6.26 16.98
CA PHE A 107 -2.32 -5.10 16.66
C PHE A 107 -1.51 -3.86 16.44
N SER A 108 -0.19 -3.95 16.55
CA SER A 108 0.69 -2.84 16.21
C SER A 108 1.19 -2.86 14.76
N ASN A 109 0.87 -3.90 14.00
CA ASN A 109 1.31 -4.02 12.62
C ASN A 109 0.21 -4.59 11.74
N PRO A 110 0.18 -4.23 10.47
CA PRO A 110 -0.80 -4.83 9.54
C PRO A 110 -0.63 -6.35 9.45
N THR A 111 -1.76 -7.05 9.36
CA THR A 111 -1.79 -8.51 9.34
C THR A 111 -2.87 -9.05 8.40
N CYS A 112 -2.68 -10.30 8.00
CA CYS A 112 -3.70 -11.06 7.33
C CYS A 112 -3.74 -12.45 7.91
N LEU A 113 -4.90 -13.08 7.85
CA LEU A 113 -5.06 -14.46 8.24
C LEU A 113 -5.77 -15.18 7.12
N ILE A 114 -5.20 -16.30 6.66
CA ILE A 114 -5.72 -17.03 5.51
C ILE A 114 -6.02 -18.46 5.93
N LEU A 115 -7.18 -18.97 5.55
CA LEU A 115 -7.59 -20.36 5.74
C LEU A 115 -7.56 -21.08 4.39
N ALA A 116 -6.85 -22.21 4.34
CA ALA A 116 -6.60 -22.89 3.08
C ALA A 116 -6.71 -24.40 3.25
N THR A 117 -7.15 -25.06 2.19
CA THR A 117 -7.12 -26.52 2.07
C THR A 117 -6.01 -26.90 1.10
N VAL A 118 -5.15 -27.84 1.49
CA VAL A 118 -4.07 -28.27 0.61
C VAL A 118 -4.62 -29.31 -0.38
N PRO A 119 -4.55 -29.03 -1.69
CA PRO A 119 -5.24 -29.87 -2.65
C PRO A 119 -4.58 -31.23 -2.78
N HIS A 120 -5.36 -32.20 -3.28
CA HIS A 120 -4.83 -33.55 -3.46
C HIS A 120 -3.53 -33.53 -4.26
N ASN A 121 -3.45 -32.64 -5.25
CA ASN A 121 -2.31 -32.62 -6.15
C ASN A 121 -1.02 -32.14 -5.48
N LEU A 122 -1.11 -31.28 -4.45
CA LEU A 122 0.09 -30.85 -3.71
C LEU A 122 0.40 -31.91 -2.65
N THR A 123 1.03 -33.00 -3.10
CA THR A 123 1.11 -34.23 -2.33
C THR A 123 2.16 -34.20 -1.21
N THR A 124 2.91 -33.11 -1.02
CA THR A 124 4.04 -33.17 -0.10
C THR A 124 3.78 -32.41 1.21
N ILE A 125 2.53 -32.10 1.52
CA ILE A 125 2.16 -31.58 2.84
C ILE A 125 1.50 -32.72 3.62
N THR A 126 2.12 -33.10 4.73
CA THR A 126 1.77 -34.30 5.50
C THR A 126 0.79 -33.99 6.63
N LYS A 127 -0.30 -34.78 6.72
CA LYS A 127 -1.36 -34.64 7.70
C LYS A 127 -0.91 -35.13 9.08
N PRO A 128 -1.35 -34.48 10.14
CA PRO A 128 -1.23 -35.04 11.48
C PRO A 128 -2.43 -35.92 11.81
N LEU A 129 -2.34 -36.62 12.95
CA LEU A 129 -3.43 -37.53 13.33
C LEU A 129 -4.74 -36.79 13.51
N LYS A 130 -4.71 -35.53 13.95
CA LYS A 130 -5.92 -34.76 14.15
C LYS A 130 -5.52 -33.30 14.31
N TYR A 131 -6.52 -32.43 14.30
CA TYR A 131 -6.30 -31.07 14.74
C TYR A 131 -6.40 -31.00 16.26
N SER A 132 -5.54 -30.21 16.88
CA SER A 132 -5.52 -30.04 18.32
C SER A 132 -5.37 -28.56 18.66
N TYR A 133 -5.88 -28.17 19.82
CA TYR A 133 -5.63 -26.81 20.29
C TYR A 133 -5.73 -26.81 21.81
N ILE A 134 -5.17 -25.77 22.41
CA ILE A 134 -5.21 -25.59 23.85
C ILE A 134 -6.55 -24.95 24.22
N ASN A 135 -7.33 -25.62 25.08
CA ASN A 135 -8.59 -25.03 25.50
C ASN A 135 -8.48 -24.24 26.81
N LYS A 136 -7.34 -24.32 27.51
CA LYS A 136 -7.16 -23.69 28.82
C LYS A 136 -5.72 -23.90 29.26
N CYS A 137 -5.09 -22.86 29.84
CA CYS A 137 -3.66 -22.93 30.18
C CYS A 137 -3.37 -22.04 31.37
N SER A 138 -3.32 -22.63 32.58
CA SER A 138 -3.14 -21.83 33.80
C SER A 138 -2.15 -22.41 34.82
N VAL A 148 -4.96 -19.19 38.14
CA VAL A 148 -5.21 -17.98 37.34
C VAL A 148 -4.81 -18.22 35.90
N PRO A 149 -5.57 -17.64 34.97
CA PRO A 149 -5.33 -17.90 33.54
C PRO A 149 -4.13 -17.16 32.99
N GLN A 150 -3.42 -17.84 32.10
CA GLN A 150 -2.20 -17.35 31.47
C GLN A 150 -2.46 -17.16 29.97
N LEU A 151 -2.92 -15.97 29.59
CA LEU A 151 -3.29 -15.71 28.21
C LEU A 151 -2.07 -15.37 27.34
N VAL A 152 -2.14 -15.75 26.07
CA VAL A 152 -1.10 -15.44 25.10
C VAL A 152 -1.12 -13.95 24.77
N ASN A 153 0.04 -13.32 24.76
CA ASN A 153 0.11 -11.96 24.29
C ASN A 153 0.20 -11.92 22.77
N ALA A 154 -0.32 -10.84 22.19
CA ALA A 154 -0.25 -10.67 20.74
C ALA A 154 1.13 -11.06 20.24
N ASN A 155 1.15 -11.95 19.25
CA ASN A 155 2.35 -12.30 18.52
C ASN A 155 3.28 -13.25 19.27
N GLN A 156 2.84 -13.89 20.36
CA GLN A 156 3.70 -14.75 21.17
C GLN A 156 3.12 -16.15 21.28
N TYR A 157 3.90 -17.06 21.86
CA TYR A 157 3.46 -18.43 22.10
C TYR A 157 2.77 -18.51 23.45
N SER A 158 1.94 -19.53 23.61
CA SER A 158 1.29 -19.73 24.89
C SER A 158 2.32 -20.18 25.91
N PRO A 159 2.22 -19.72 27.16
CA PRO A 159 3.16 -20.19 28.19
C PRO A 159 3.14 -21.70 28.36
N CYS A 160 2.09 -22.37 27.89
CA CYS A 160 1.94 -23.81 28.01
C CYS A 160 2.49 -24.60 26.82
N VAL A 161 3.22 -23.94 25.92
CA VAL A 161 3.75 -24.63 24.75
C VAL A 161 4.68 -25.77 25.16
N SER A 162 5.34 -25.63 26.30
CA SER A 162 6.31 -26.62 26.74
C SER A 162 5.64 -27.94 27.07
N ILE A 163 4.52 -27.89 27.78
CA ILE A 163 3.95 -29.10 28.34
C ILE A 163 2.89 -29.74 27.43
N VAL A 164 2.13 -28.94 26.70
CA VAL A 164 1.14 -29.50 25.77
C VAL A 164 1.88 -30.24 24.66
N PRO A 165 1.46 -31.45 24.31
CA PRO A 165 2.18 -32.21 23.29
C PRO A 165 1.87 -31.73 21.89
N SER A 166 2.81 -31.99 20.99
CA SER A 166 2.68 -31.66 19.57
C SER A 166 1.30 -32.02 19.04
N THR A 167 0.68 -33.05 19.60
CA THR A 167 -0.70 -33.41 19.30
C THR A 167 -1.37 -33.86 20.58
N VAL A 168 -2.59 -33.39 20.81
CA VAL A 168 -3.37 -33.88 21.93
C VAL A 168 -3.75 -35.34 21.67
N TRP A 169 -3.55 -36.19 22.69
CA TRP A 169 -3.86 -37.61 22.52
C TRP A 169 -5.36 -37.85 22.43
N GLU A 170 -6.08 -37.51 23.49
CA GLU A 170 -7.52 -37.65 23.56
C GLU A 170 -8.10 -36.28 23.91
N ASP A 171 -9.18 -35.91 23.24
CA ASP A 171 -9.91 -34.70 23.60
C ASP A 171 -10.16 -34.70 25.10
N GLY A 172 -9.56 -33.76 25.84
CA GLY A 172 -9.81 -33.60 27.26
C GLY A 172 -8.60 -33.71 28.18
N ASP A 173 -7.47 -34.23 27.71
CA ASP A 173 -6.23 -34.30 28.48
C ASP A 173 -5.97 -33.04 29.30
N TYR A 174 -5.38 -33.23 30.49
CA TYR A 174 -5.12 -32.16 31.45
C TYR A 174 -3.66 -32.28 31.87
N TYR A 175 -2.77 -31.51 31.24
CA TYR A 175 -1.36 -31.52 31.55
C TYR A 175 -1.06 -30.45 32.60
N ARG A 176 -0.31 -30.81 33.64
CA ARG A 176 0.00 -29.85 34.70
C ARG A 176 1.39 -30.10 35.27
N LYS A 177 2.19 -29.03 35.39
CA LYS A 177 3.51 -29.08 36.04
C LYS A 177 3.66 -27.96 37.07
N VAL A 189 -1.23 -26.74 34.63
CA VAL A 189 -2.60 -26.85 34.14
C VAL A 189 -2.71 -26.38 32.69
N ALA A 190 -2.75 -27.34 31.77
CA ALA A 190 -3.02 -27.09 30.37
C ALA A 190 -3.91 -28.19 29.84
N SER A 191 -5.08 -27.83 29.32
CA SER A 191 -6.07 -28.80 28.85
C SER A 191 -6.24 -28.66 27.34
N GLY A 192 -6.18 -29.79 26.63
CA GLY A 192 -6.24 -29.78 25.19
C GLY A 192 -7.55 -30.25 24.59
N SER A 193 -7.82 -29.86 23.35
CA SER A 193 -9.00 -30.31 22.63
C SER A 193 -8.60 -30.75 21.23
N THR A 194 -9.48 -31.54 20.60
CA THR A 194 -9.18 -32.15 19.32
C THR A 194 -10.35 -32.01 18.37
N VAL A 195 -10.03 -31.96 17.09
CA VAL A 195 -11.01 -32.01 16.02
C VAL A 195 -10.54 -33.06 15.01
N ALA A 196 -11.46 -33.89 14.55
CA ALA A 196 -11.10 -34.98 13.66
C ALA A 196 -10.45 -34.44 12.38
N MET A 197 -9.57 -35.26 11.81
CA MET A 197 -8.84 -34.84 10.62
C MET A 197 -9.78 -34.85 9.42
N THR A 198 -9.59 -33.90 8.53
CA THR A 198 -10.38 -33.85 7.30
C THR A 198 -9.68 -34.64 6.19
N GLU A 199 -10.45 -34.96 5.13
CA GLU A 199 -9.93 -35.68 3.97
C GLU A 199 -8.61 -35.07 3.50
N GLN A 200 -8.64 -33.78 3.20
CA GLN A 200 -7.49 -33.01 2.78
C GLN A 200 -7.12 -32.03 3.89
N LEU A 201 -5.82 -31.85 4.12
CA LEU A 201 -5.41 -31.04 5.26
C LEU A 201 -5.85 -29.60 5.09
N GLN A 202 -6.41 -29.02 6.15
CA GLN A 202 -6.77 -27.62 6.13
C GLN A 202 -5.81 -26.86 7.04
N MET A 203 -5.30 -25.74 6.54
CA MET A 203 -4.28 -25.00 7.25
C MET A 203 -4.71 -23.56 7.44
N GLY A 204 -3.89 -22.84 8.19
CA GLY A 204 -4.07 -21.40 8.33
C GLY A 204 -2.73 -20.72 8.14
N PHE A 205 -2.76 -19.59 7.46
CA PHE A 205 -1.58 -18.79 7.23
C PHE A 205 -1.79 -17.42 7.84
N GLY A 206 -0.87 -16.99 8.69
CA GLY A 206 -0.88 -15.65 9.24
C GLY A 206 0.33 -14.86 8.76
N ILE A 207 0.07 -13.65 8.25
CA ILE A 207 1.12 -12.78 7.74
C ILE A 207 1.11 -11.51 8.56
N THR A 208 2.28 -11.11 9.00
CA THR A 208 2.48 -9.79 9.61
C THR A 208 3.58 -9.10 8.82
N VAL A 209 3.30 -7.88 8.36
CA VAL A 209 4.30 -7.07 7.70
C VAL A 209 4.66 -5.90 8.59
N GLN A 210 5.93 -5.49 8.51
CA GLN A 210 6.41 -4.28 9.17
C GLN A 210 7.05 -3.36 8.16
N TYR A 211 6.63 -2.09 8.14
CA TYR A 211 7.19 -1.04 7.29
C TYR A 211 8.25 -0.27 8.07
N GLY A 212 9.39 -0.04 7.44
CA GLY A 212 10.44 0.73 8.09
C GLY A 212 10.75 2.02 7.38
N THR A 213 11.93 2.57 7.68
CA THR A 213 12.50 3.70 6.98
C THR A 213 13.85 3.27 6.43
N ASP A 214 14.02 3.41 5.11
CA ASP A 214 15.24 3.04 4.38
C ASP A 214 15.54 1.54 4.43
N THR A 215 14.56 0.73 4.82
CA THR A 215 14.76 -0.71 4.98
C THR A 215 13.69 -1.54 4.28
N ASN A 216 12.83 -0.93 3.45
CA ASN A 216 11.70 -1.65 2.84
C ASN A 216 12.18 -2.40 1.60
N SER A 217 12.81 -3.54 1.85
CA SER A 217 13.45 -4.34 0.80
C SER A 217 12.94 -5.77 0.77
N VAL A 218 11.71 -5.98 1.23
CA VAL A 218 10.94 -7.18 0.92
C VAL A 218 9.84 -6.72 -0.03
N CYS A 219 10.04 -6.96 -1.33
CA CYS A 219 9.21 -6.37 -2.36
C CYS A 219 8.63 -7.44 -3.28
N PRO A 220 7.54 -7.14 -3.97
CA PRO A 220 7.03 -8.10 -4.96
C PRO A 220 7.93 -8.15 -6.18
N LYS A 221 8.10 -9.32 -6.75
CA LYS A 221 8.87 -9.40 -7.98
C LYS A 221 8.01 -9.01 -9.18
N LEU A 222 8.64 -8.37 -10.15
CA LEU A 222 7.94 -7.79 -11.29
C LEU A 222 8.44 -8.37 -12.62
N VAL B 15 -14.35 12.51 -8.99
CA VAL B 15 -13.54 11.38 -9.43
C VAL B 15 -12.02 11.63 -9.21
N GLU B 16 -11.52 12.86 -9.22
CA GLU B 16 -10.20 13.10 -8.62
C GLU B 16 -10.36 13.74 -7.24
N CYS B 17 -9.68 13.17 -6.23
CA CYS B 17 -9.73 13.69 -4.87
C CYS B 17 -9.24 15.14 -4.83
N ASP B 18 -10.07 16.02 -4.28
CA ASP B 18 -9.86 17.46 -4.43
C ASP B 18 -9.07 17.96 -3.22
N PHE B 19 -7.77 18.18 -3.42
CA PHE B 19 -6.91 18.75 -2.39
C PHE B 19 -6.83 20.27 -2.47
N SER B 20 -7.67 20.94 -3.25
CA SER B 20 -7.54 22.40 -3.35
C SER B 20 -7.87 23.21 -2.09
N PRO B 21 -8.81 22.80 -1.22
CA PRO B 21 -9.09 23.62 -0.02
C PRO B 21 -7.86 23.92 0.79
N LEU B 22 -6.92 22.98 0.83
CA LEU B 22 -5.69 23.19 1.58
C LEU B 22 -4.83 24.27 0.93
N LEU B 23 -4.99 24.49 -0.38
CA LEU B 23 -4.15 25.46 -1.07
C LEU B 23 -4.62 26.89 -0.89
N SER B 24 -5.84 27.14 -0.41
CA SER B 24 -6.34 28.51 -0.36
C SER B 24 -6.67 28.91 1.07
N GLY B 25 -5.97 29.92 1.57
CA GLY B 25 -6.32 30.56 2.83
C GLY B 25 -5.30 30.29 3.91
N THR B 26 -5.57 30.87 5.08
CA THR B 26 -4.72 30.66 6.23
C THR B 26 -5.08 29.34 6.87
N PRO B 27 -4.16 28.39 6.96
CA PRO B 27 -4.47 27.13 7.62
C PRO B 27 -4.71 27.37 9.10
N PRO B 28 -5.66 26.67 9.70
CA PRO B 28 -5.95 26.88 11.13
C PRO B 28 -4.82 26.34 11.99
N GLN B 29 -4.92 26.63 13.27
CA GLN B 29 -3.89 26.15 14.19
C GLN B 29 -4.13 24.68 14.51
N VAL B 30 -3.13 24.09 15.17
CA VAL B 30 -3.08 22.64 15.30
C VAL B 30 -4.33 22.10 16.00
N TYR B 31 -4.81 22.80 17.03
CA TYR B 31 -6.01 22.30 17.71
C TYR B 31 -7.28 22.58 16.94
N ASN B 32 -7.24 23.39 15.88
CA ASN B 32 -8.40 23.57 15.00
C ASN B 32 -8.15 22.92 13.64
N PHE B 33 -7.51 21.75 13.62
CA PHE B 33 -7.06 21.22 12.34
C PHE B 33 -8.24 21.09 11.39
N LYS B 34 -8.01 21.41 10.11
CA LYS B 34 -9.01 21.18 9.08
C LYS B 34 -8.85 19.76 8.55
N ARG B 35 -9.93 19.01 8.55
CA ARG B 35 -9.93 17.63 8.09
C ARG B 35 -10.67 17.50 6.76
N LEU B 36 -10.03 16.86 5.79
CA LEU B 36 -10.61 16.62 4.47
C LEU B 36 -10.82 15.11 4.27
N VAL B 37 -12.06 14.69 4.01
CA VAL B 37 -12.40 13.28 3.89
C VAL B 37 -12.53 12.95 2.41
N PHE B 38 -12.03 11.78 2.03
CA PHE B 38 -12.02 11.37 0.63
C PHE B 38 -12.46 9.92 0.55
N THR B 39 -13.61 9.71 -0.09
CA THR B 39 -14.02 8.39 -0.52
C THR B 39 -14.24 8.44 -2.03
N ASN B 40 -14.21 7.27 -2.64
CA ASN B 40 -14.57 7.12 -4.05
C ASN B 40 -13.99 8.21 -4.94
N CYS B 41 -12.68 8.21 -5.10
CA CYS B 41 -12.00 9.22 -5.91
C CYS B 41 -10.59 8.71 -6.14
N ASN B 42 -9.97 9.20 -7.20
CA ASN B 42 -8.56 8.91 -7.45
C ASN B 42 -7.72 10.09 -7.03
N TYR B 43 -6.58 9.79 -6.39
CA TYR B 43 -5.73 10.81 -5.79
C TYR B 43 -4.36 10.79 -6.43
N ASN B 44 -3.66 11.92 -6.36
CA ASN B 44 -2.23 12.01 -6.65
C ASN B 44 -1.57 12.75 -5.48
N LEU B 45 -1.17 11.99 -4.45
CA LEU B 45 -0.45 12.59 -3.34
C LEU B 45 0.84 13.24 -3.82
N THR B 46 1.56 12.58 -4.71
CA THR B 46 2.89 13.08 -5.00
C THR B 46 2.84 14.39 -5.78
N LYS B 47 1.78 14.64 -6.55
CA LYS B 47 1.55 15.99 -7.08
C LYS B 47 1.36 17.00 -5.94
N LEU B 48 0.45 16.70 -5.00
CA LEU B 48 0.25 17.58 -3.83
C LEU B 48 1.56 17.89 -3.12
N LEU B 49 2.36 16.87 -2.82
CA LEU B 49 3.59 17.11 -2.07
C LEU B 49 4.61 17.86 -2.91
N SER B 50 4.56 17.73 -4.25
CA SER B 50 5.50 18.46 -5.08
C SER B 50 5.32 19.98 -4.96
N LEU B 51 4.13 20.45 -4.58
CA LEU B 51 3.93 21.88 -4.40
C LEU B 51 4.63 22.42 -3.15
N PHE B 52 5.02 21.55 -2.22
CA PHE B 52 5.55 21.96 -0.94
C PHE B 52 7.01 21.59 -0.85
N SER B 53 7.70 22.24 0.08
CA SER B 53 9.05 21.84 0.46
C SER B 53 8.92 20.88 1.66
N VAL B 54 9.21 19.59 1.46
CA VAL B 54 8.87 18.58 2.46
C VAL B 54 10.06 18.37 3.39
N ASN B 55 9.89 18.76 4.66
CA ASN B 55 10.94 18.64 5.66
C ASN B 55 10.90 17.30 6.40
N ASP B 56 9.73 16.77 6.69
CA ASP B 56 9.66 15.56 7.52
C ASP B 56 8.43 14.77 7.11
N PHE B 57 8.62 13.46 6.95
CA PHE B 57 7.61 12.58 6.37
C PHE B 57 7.77 11.22 7.06
N THR B 58 6.87 10.89 7.96
CA THR B 58 6.95 9.64 8.71
C THR B 58 5.58 8.99 8.77
N CYS B 59 5.56 7.66 8.90
CA CYS B 59 4.31 6.93 8.85
C CYS B 59 4.31 5.79 9.86
N SER B 60 3.11 5.37 10.27
CA SER B 60 2.92 4.23 11.13
C SER B 60 2.06 3.18 10.42
N GLN B 61 2.50 1.93 10.44
CA GLN B 61 1.83 0.81 9.79
C GLN B 61 1.72 0.99 8.27
N ILE B 62 2.61 1.80 7.70
CA ILE B 62 2.65 2.07 6.27
C ILE B 62 3.89 2.89 6.00
N SER B 63 4.29 2.95 4.75
CA SER B 63 5.48 3.68 4.36
C SER B 63 5.09 4.92 3.55
N PRO B 64 5.96 5.91 3.49
CA PRO B 64 5.75 7.00 2.52
C PRO B 64 5.54 6.50 1.09
N ALA B 65 6.29 5.50 0.62
CA ALA B 65 6.07 5.01 -0.75
C ALA B 65 4.68 4.37 -0.88
N ALA B 66 4.27 3.60 0.13
CA ALA B 66 2.99 2.90 0.05
C ALA B 66 1.82 3.88 0.14
N ILE B 67 1.92 4.89 1.00
CA ILE B 67 0.79 5.78 1.20
C ILE B 67 0.43 6.49 -0.09
N ALA B 68 1.41 6.70 -0.97
CA ALA B 68 1.14 7.34 -2.25
C ALA B 68 0.60 6.40 -3.32
N SER B 69 0.51 5.08 -3.06
CA SER B 69 0.20 4.14 -4.12
C SER B 69 -0.81 3.04 -3.78
N ASN B 70 -1.32 2.96 -2.56
CA ASN B 70 -2.30 1.93 -2.27
C ASN B 70 -3.72 2.44 -2.44
N CYS B 71 -4.67 1.50 -2.39
CA CYS B 71 -6.10 1.74 -2.54
C CYS B 71 -6.77 1.59 -1.19
N TYR B 72 -7.55 2.58 -0.80
CA TYR B 72 -8.19 2.62 0.51
C TYR B 72 -9.69 2.78 0.32
N SER B 73 -10.45 2.40 1.34
CA SER B 73 -11.87 2.77 1.38
C SER B 73 -12.08 4.19 1.88
N SER B 74 -11.06 4.79 2.51
CA SER B 74 -11.19 6.10 3.09
C SER B 74 -9.79 6.66 3.29
N LEU B 75 -9.60 7.93 2.91
CA LEU B 75 -8.36 8.66 3.18
C LEU B 75 -8.73 10.00 3.82
N ILE B 76 -8.07 10.31 4.92
CA ILE B 76 -8.32 11.54 5.66
C ILE B 76 -7.05 12.38 5.65
N LEU B 77 -7.20 13.65 5.34
CA LEU B 77 -6.08 14.59 5.36
C LEU B 77 -6.39 15.70 6.36
N ASP B 78 -5.64 15.74 7.45
CA ASP B 78 -5.64 16.84 8.40
C ASP B 78 -4.54 17.81 8.00
N TYR B 79 -4.84 19.11 7.96
CA TYR B 79 -3.76 20.08 7.83
C TYR B 79 -3.94 21.24 8.80
N PHE B 80 -2.83 21.91 9.10
CA PHE B 80 -2.80 23.00 10.07
C PHE B 80 -1.45 23.72 9.99
N SER B 81 -1.45 24.98 10.43
CA SER B 81 -0.19 25.68 10.67
C SER B 81 0.53 25.02 11.84
N TYR B 82 1.85 24.88 11.71
CA TYR B 82 2.65 24.24 12.76
C TYR B 82 4.12 24.54 12.58
N PRO B 83 4.83 24.95 13.61
CA PRO B 83 6.24 25.31 13.42
C PRO B 83 7.12 24.07 13.47
N LEU B 84 8.11 24.03 12.58
CA LEU B 84 9.03 22.90 12.51
C LEU B 84 9.74 22.69 13.86
N SER B 85 10.02 23.77 14.60
CA SER B 85 10.69 23.61 15.91
C SER B 85 9.93 22.74 16.90
N MET B 86 8.62 22.54 16.70
CA MET B 86 7.85 21.69 17.61
C MET B 86 7.69 20.27 17.08
N LYS B 87 8.61 19.85 16.20
CA LYS B 87 8.58 18.49 15.65
C LYS B 87 8.47 17.45 16.75
N SER B 88 9.26 17.57 17.82
CA SER B 88 9.30 16.47 18.80
C SER B 88 7.95 16.28 19.49
N ASP B 89 7.18 17.34 19.67
CA ASP B 89 5.91 17.33 20.37
C ASP B 89 4.82 16.50 19.71
N LEU B 90 4.97 16.09 18.46
CA LEU B 90 3.92 15.32 17.82
C LEU B 90 3.91 13.86 18.28
N SER B 91 5.09 13.29 18.62
CA SER B 91 5.14 11.91 19.09
C SER B 91 4.40 11.76 20.41
N VAL B 92 3.64 10.66 20.53
CA VAL B 92 2.86 10.44 21.76
C VAL B 92 3.78 10.20 22.95
N SER B 93 4.88 9.47 22.75
CA SER B 93 5.91 9.40 23.78
C SER B 93 6.46 10.80 24.06
N SER B 94 6.99 10.98 25.27
CA SER B 94 7.24 12.31 25.86
C SER B 94 5.94 13.09 26.02
N ALA B 95 5.73 13.65 27.22
CA ALA B 95 4.47 14.26 27.63
C ALA B 95 3.92 15.18 26.55
N GLY B 96 4.26 16.45 26.61
CA GLY B 96 4.03 17.34 25.50
C GLY B 96 2.59 17.75 25.36
N PRO B 97 2.33 19.06 25.40
CA PRO B 97 0.94 19.53 25.23
C PRO B 97 0.35 19.22 23.86
N ILE B 98 1.18 19.18 22.80
CA ILE B 98 0.64 18.92 21.47
C ILE B 98 -0.09 17.59 21.43
N SER B 99 0.60 16.52 21.82
CA SER B 99 -0.05 15.20 21.72
C SER B 99 -1.01 14.95 22.85
N GLN B 100 -0.86 15.66 23.97
CA GLN B 100 -1.80 15.45 25.06
C GLN B 100 -3.08 16.24 24.87
N PHE B 101 -3.00 17.45 24.32
CA PHE B 101 -4.17 18.33 24.31
C PHE B 101 -4.59 18.87 22.96
N ASN B 102 -3.76 18.77 21.92
CA ASN B 102 -4.04 19.44 20.66
C ASN B 102 -4.38 18.48 19.54
N TYR B 103 -3.55 17.46 19.28
CA TYR B 103 -3.73 16.65 18.07
C TYR B 103 -3.13 15.26 18.25
N LYS B 104 -3.93 14.23 17.95
CA LYS B 104 -3.49 12.86 18.10
C LYS B 104 -4.12 12.04 16.98
N GLN B 105 -3.32 11.20 16.33
CA GLN B 105 -3.79 10.34 15.25
C GLN B 105 -4.24 8.98 15.77
N SER B 106 -5.04 8.28 14.96
CA SER B 106 -5.38 6.90 15.24
C SER B 106 -4.12 6.09 15.48
N PHE B 107 -4.19 5.17 16.44
CA PHE B 107 -3.10 4.23 16.64
C PHE B 107 -3.43 2.85 16.09
N SER B 108 -4.62 2.65 15.55
CA SER B 108 -4.91 1.39 14.88
C SER B 108 -4.92 1.49 13.36
N ASN B 109 -5.47 2.56 12.77
CA ASN B 109 -5.34 2.72 11.33
C ASN B 109 -3.95 3.22 10.96
N PRO B 110 -3.49 2.93 9.74
CA PRO B 110 -2.21 3.46 9.27
C PRO B 110 -2.25 4.96 9.11
N THR B 111 -1.14 5.62 9.45
CA THR B 111 -1.08 7.06 9.39
C THR B 111 0.26 7.52 8.85
N CYS B 112 0.29 8.76 8.38
CA CYS B 112 1.51 9.47 8.11
C CYS B 112 1.38 10.87 8.70
N LEU B 113 2.52 11.45 9.04
CA LEU B 113 2.62 12.81 9.52
C LEU B 113 3.69 13.51 8.69
N ILE B 114 3.31 14.61 8.05
CA ILE B 114 4.19 15.34 7.17
C ILE B 114 4.35 16.75 7.69
N LEU B 115 5.61 17.18 7.85
CA LEU B 115 5.93 18.56 8.17
C LEU B 115 6.54 19.21 6.93
N ALA B 116 5.96 20.35 6.53
CA ALA B 116 6.26 20.98 5.25
C ALA B 116 6.33 22.49 5.42
N THR B 117 7.18 23.11 4.60
CA THR B 117 7.29 24.55 4.48
C THR B 117 6.65 24.99 3.17
N VAL B 118 5.81 26.03 3.21
CA VAL B 118 5.14 26.51 2.00
C VAL B 118 6.11 27.41 1.26
N PRO B 119 6.51 27.07 0.04
CA PRO B 119 7.49 27.87 -0.68
C PRO B 119 6.89 29.21 -1.07
N HIS B 120 7.75 30.16 -1.42
CA HIS B 120 7.28 31.50 -1.73
C HIS B 120 6.38 31.51 -2.96
N ASN B 121 6.65 30.63 -3.93
CA ASN B 121 5.88 30.61 -5.17
C ASN B 121 4.41 30.19 -4.95
N LEU B 122 4.07 29.59 -3.81
CA LEU B 122 2.69 29.18 -3.51
C LEU B 122 2.05 30.31 -2.71
N THR B 123 1.42 31.25 -3.42
CA THR B 123 1.09 32.54 -2.83
C THR B 123 -0.21 32.55 -2.06
N THR B 124 -1.04 31.54 -2.20
CA THR B 124 -2.41 31.64 -1.76
C THR B 124 -2.67 30.97 -0.41
N ILE B 125 -1.68 30.27 0.15
CA ILE B 125 -1.73 29.86 1.56
C ILE B 125 -1.15 31.01 2.37
N THR B 126 -2.00 31.72 3.11
CA THR B 126 -1.59 32.96 3.78
C THR B 126 -1.25 32.69 5.25
N LYS B 127 -0.25 33.45 5.76
CA LYS B 127 0.24 33.13 7.10
C LYS B 127 -0.63 33.78 8.18
N PRO B 128 -0.90 33.09 9.28
CA PRO B 128 -1.52 33.76 10.42
C PRO B 128 -0.48 34.57 11.18
N LEU B 129 -0.98 35.38 12.13
CA LEU B 129 -0.10 36.27 12.88
C LEU B 129 0.97 35.50 13.65
N LYS B 130 0.66 34.29 14.11
CA LYS B 130 1.62 33.49 14.85
C LYS B 130 1.12 32.04 14.91
N TYR B 131 1.95 31.16 15.46
CA TYR B 131 1.51 29.82 15.81
C TYR B 131 0.93 29.81 17.22
N SER B 132 -0.19 29.11 17.40
CA SER B 132 -0.81 28.98 18.70
C SER B 132 -1.05 27.51 19.02
N TYR B 133 -0.94 27.17 20.30
CA TYR B 133 -1.37 25.83 20.70
C TYR B 133 -1.87 25.86 22.13
N ILE B 134 -2.69 24.87 22.45
CA ILE B 134 -3.17 24.68 23.81
C ILE B 134 -2.06 24.06 24.65
N ASN B 135 -1.62 24.77 25.69
CA ASN B 135 -0.61 24.20 26.57
C ASN B 135 -1.23 23.48 27.76
N LYS B 136 -2.53 23.59 28.00
CA LYS B 136 -3.17 22.97 29.17
C LYS B 136 -4.65 22.79 28.89
N CYS B 137 -5.16 21.58 29.15
CA CYS B 137 -6.59 21.33 29.13
C CYS B 137 -6.92 20.44 30.33
N SER B 138 -7.77 20.92 31.24
CA SER B 138 -7.96 20.20 32.48
C SER B 138 -9.31 20.55 33.09
N ARG B 139 -9.70 19.75 34.06
CA ARG B 139 -11.01 19.81 34.63
C ARG B 139 -10.84 19.81 36.13
N LEU B 140 -11.43 20.79 36.79
CA LEU B 140 -11.38 20.91 38.24
C LEU B 140 -12.59 20.19 38.82
N LEU B 141 -12.36 19.27 39.75
CA LEU B 141 -13.48 18.50 40.27
C LEU B 141 -14.24 19.27 41.37
N SER B 142 -15.31 18.64 41.85
CA SER B 142 -16.12 18.97 43.03
C SER B 142 -15.33 19.60 44.17
N ASP B 143 -14.27 18.92 44.58
CA ASP B 143 -13.55 19.31 45.78
C ASP B 143 -12.82 20.63 45.61
N ASP B 144 -12.93 21.27 44.44
CA ASP B 144 -12.26 22.52 44.10
C ASP B 144 -10.75 22.44 44.31
N ARG B 145 -10.20 21.24 44.52
CA ARG B 145 -8.76 21.02 44.62
C ARG B 145 -8.20 20.08 43.55
N THR B 146 -8.95 19.07 43.11
CA THR B 146 -8.40 18.03 42.26
C THR B 146 -8.59 18.39 40.79
N GLU B 147 -7.48 18.56 40.08
CA GLU B 147 -7.46 18.94 38.68
C GLU B 147 -7.12 17.71 37.85
N VAL B 148 -7.94 17.42 36.84
CA VAL B 148 -7.83 16.21 36.05
C VAL B 148 -7.53 16.59 34.60
N PRO B 149 -6.47 16.07 33.99
CA PRO B 149 -6.21 16.37 32.57
C PRO B 149 -7.32 15.88 31.65
N GLN B 150 -7.55 16.66 30.58
CA GLN B 150 -8.50 16.32 29.50
C GLN B 150 -7.67 16.05 28.25
N LEU B 151 -7.27 14.79 28.07
CA LEU B 151 -6.44 14.40 26.94
C LEU B 151 -7.28 14.40 25.67
N VAL B 152 -6.69 14.89 24.57
CA VAL B 152 -7.35 14.81 23.27
C VAL B 152 -7.40 13.36 22.82
N ASN B 153 -8.52 12.97 22.22
CA ASN B 153 -8.68 11.63 21.65
C ASN B 153 -8.28 11.62 20.17
N ALA B 154 -7.84 10.45 19.71
CA ALA B 154 -7.56 10.28 18.28
C ALA B 154 -8.80 10.62 17.46
N ASN B 155 -8.61 11.43 16.41
CA ASN B 155 -9.63 11.82 15.45
C ASN B 155 -10.62 12.85 15.99
N GLN B 156 -10.30 13.49 17.10
CA GLN B 156 -11.22 14.38 17.78
C GLN B 156 -10.52 15.68 18.14
N TYR B 157 -11.31 16.73 18.32
CA TYR B 157 -10.79 17.99 18.83
C TYR B 157 -10.67 17.95 20.36
N SER B 158 -9.79 18.80 20.87
CA SER B 158 -9.65 19.00 22.30
C SER B 158 -11.01 19.31 22.93
N PRO B 159 -11.31 18.78 24.11
CA PRO B 159 -12.47 19.28 24.87
C PRO B 159 -12.44 20.78 25.00
N CYS B 160 -11.24 21.35 25.02
CA CYS B 160 -11.02 22.78 25.25
C CYS B 160 -11.14 23.66 23.99
N VAL B 161 -11.51 23.11 22.82
CA VAL B 161 -11.60 23.95 21.64
C VAL B 161 -12.76 24.95 21.74
N SER B 162 -13.74 24.68 22.58
CA SER B 162 -14.87 25.60 22.73
C SER B 162 -14.53 26.83 23.55
N ILE B 163 -13.43 26.82 24.31
CA ILE B 163 -13.02 27.97 25.09
C ILE B 163 -11.71 28.59 24.62
N VAL B 164 -10.97 27.93 23.73
CA VAL B 164 -9.76 28.54 23.21
C VAL B 164 -10.12 29.21 21.89
N PRO B 165 -9.76 30.47 21.67
CA PRO B 165 -10.02 31.11 20.38
C PRO B 165 -9.10 30.53 19.32
N SER B 166 -9.38 30.88 18.06
CA SER B 166 -8.66 30.26 16.94
C SER B 166 -7.23 30.76 16.86
N THR B 167 -6.99 31.99 17.29
CA THR B 167 -5.65 32.51 17.48
C THR B 167 -5.52 33.05 18.90
N VAL B 168 -4.45 32.68 19.59
CA VAL B 168 -4.29 33.12 20.96
C VAL B 168 -3.80 34.56 20.96
N TRP B 169 -4.44 35.40 21.77
CA TRP B 169 -4.10 36.83 21.79
C TRP B 169 -2.72 37.08 22.36
N GLU B 170 -2.53 36.79 23.65
CA GLU B 170 -1.26 36.94 24.37
C GLU B 170 -0.82 35.58 24.92
N ASP B 171 0.46 35.26 24.72
CA ASP B 171 1.00 34.00 25.24
C ASP B 171 0.75 33.87 26.73
N GLY B 172 0.18 32.74 27.14
CA GLY B 172 -0.14 32.51 28.55
C GLY B 172 -1.54 32.85 29.00
N ASP B 173 -2.40 33.35 28.10
CA ASP B 173 -3.80 33.59 28.42
C ASP B 173 -4.43 32.35 29.03
N TYR B 174 -5.37 32.57 29.95
CA TYR B 174 -6.15 31.49 30.53
C TYR B 174 -7.60 31.57 30.06
N TYR B 175 -8.28 30.44 30.14
CA TYR B 175 -9.66 30.29 29.70
C TYR B 175 -10.36 29.31 30.64
N ARG B 176 -11.56 29.67 31.07
CA ARG B 176 -12.36 28.77 31.89
C ARG B 176 -13.82 28.81 31.47
N LYS B 177 -14.49 27.71 31.74
CA LYS B 177 -15.90 27.55 31.47
C LYS B 177 -16.50 26.85 32.68
N GLN B 178 -17.63 27.36 33.14
CA GLN B 178 -18.36 26.66 34.18
C GLN B 178 -19.15 25.53 33.55
N LEU B 179 -18.84 24.30 33.95
CA LEU B 179 -19.55 23.15 33.41
C LEU B 179 -20.91 23.00 34.08
N SER B 180 -21.94 22.76 33.28
CA SER B 180 -23.29 22.62 33.79
C SER B 180 -23.44 21.31 34.56
N PRO B 181 -24.54 21.17 35.31
CA PRO B 181 -24.79 19.87 35.96
C PRO B 181 -24.83 18.73 34.97
N LEU B 182 -25.44 18.96 33.80
CA LEU B 182 -25.53 17.92 32.78
C LEU B 182 -24.16 17.54 32.24
N GLU B 183 -23.21 18.46 32.25
CA GLU B 183 -21.85 18.17 31.82
C GLU B 183 -20.99 17.63 32.95
N GLY B 184 -21.55 17.47 34.16
CA GLY B 184 -20.80 16.94 35.28
C GLY B 184 -20.30 17.95 36.29
N GLY B 185 -20.60 19.25 36.11
CA GLY B 185 -20.19 20.26 37.06
C GLY B 185 -18.72 20.63 36.95
N GLY B 186 -18.29 21.47 37.87
CA GLY B 186 -16.90 21.85 37.90
C GLY B 186 -16.55 22.85 36.82
N TRP B 187 -15.25 22.94 36.55
CA TRP B 187 -14.72 23.89 35.59
C TRP B 187 -13.84 23.20 34.55
N LEU B 188 -14.00 23.62 33.30
CA LEU B 188 -13.00 23.36 32.27
C LEU B 188 -11.99 24.51 32.28
N VAL B 189 -10.69 24.17 32.34
CA VAL B 189 -9.61 25.13 32.40
C VAL B 189 -8.63 24.88 31.26
N ALA B 190 -8.16 25.95 30.63
CA ALA B 190 -7.22 25.84 29.51
C ALA B 190 -6.26 27.02 29.51
N SER B 191 -5.16 26.86 28.78
CA SER B 191 -4.22 27.95 28.61
C SER B 191 -3.56 27.84 27.24
N GLY B 192 -3.20 28.98 26.70
CA GLY B 192 -2.70 29.07 25.34
C GLY B 192 -1.26 29.57 25.34
N SER B 193 -0.47 29.02 24.44
CA SER B 193 0.88 29.49 24.16
C SER B 193 0.95 29.94 22.71
N THR B 194 1.97 30.74 22.42
CA THR B 194 2.23 31.19 21.07
C THR B 194 3.69 30.97 20.73
N VAL B 195 3.96 30.83 19.44
CA VAL B 195 5.31 30.76 18.92
C VAL B 195 5.39 31.74 17.76
N ALA B 196 6.52 32.45 17.65
CA ALA B 196 6.71 33.47 16.63
C ALA B 196 6.55 32.90 15.21
N MET B 197 5.95 33.69 14.32
CA MET B 197 5.77 33.28 12.94
C MET B 197 7.13 33.20 12.24
N THR B 198 7.28 32.21 11.38
CA THR B 198 8.47 32.05 10.57
C THR B 198 8.34 32.80 9.24
N GLU B 199 9.50 33.06 8.61
CA GLU B 199 9.54 33.75 7.34
C GLU B 199 8.56 33.13 6.35
N GLN B 200 8.63 31.81 6.21
CA GLN B 200 7.69 31.07 5.38
C GLN B 200 6.83 30.20 6.28
N LEU B 201 5.55 30.10 5.96
CA LEU B 201 4.66 29.31 6.81
C LEU B 201 5.13 27.86 6.83
N GLN B 202 5.02 27.23 8.00
CA GLN B 202 5.30 25.81 8.17
C GLN B 202 4.02 25.11 8.60
N MET B 203 3.80 23.90 8.06
CA MET B 203 2.53 23.22 8.17
C MET B 203 2.72 21.76 8.55
N GLY B 204 1.66 21.17 9.06
CA GLY B 204 1.59 19.75 9.30
C GLY B 204 0.43 19.17 8.50
N PHE B 205 0.67 18.04 7.85
CA PHE B 205 -0.39 17.22 7.29
C PHE B 205 -0.42 15.92 8.07
N GLY B 206 -1.59 15.52 8.51
CA GLY B 206 -1.77 14.20 9.04
C GLY B 206 -2.70 13.40 8.16
N ILE B 207 -2.24 12.26 7.70
CA ILE B 207 -3.02 11.40 6.81
C ILE B 207 -3.39 10.14 7.57
N THR B 208 -4.63 9.70 7.40
CA THR B 208 -5.11 8.44 7.94
C THR B 208 -5.81 7.68 6.83
N VAL B 209 -5.46 6.40 6.65
CA VAL B 209 -6.14 5.59 5.66
C VAL B 209 -6.79 4.38 6.34
N GLN B 210 -7.82 3.86 5.69
CA GLN B 210 -8.52 2.66 6.12
C GLN B 210 -8.67 1.72 4.94
N TYR B 211 -8.49 0.43 5.21
CA TYR B 211 -8.78 -0.59 4.23
C TYR B 211 -10.08 -1.29 4.58
N GLY B 212 -10.87 -1.59 3.56
CA GLY B 212 -12.04 -2.40 3.78
C GLY B 212 -11.97 -3.63 2.91
N THR B 213 -13.13 -4.20 2.57
CA THR B 213 -13.21 -5.38 1.73
C THR B 213 -13.50 -5.01 0.28
N ASP B 214 -14.74 -4.64 -0.02
CA ASP B 214 -15.15 -4.32 -1.38
C ASP B 214 -15.15 -2.82 -1.66
N THR B 215 -14.68 -2.01 -0.71
CA THR B 215 -14.87 -0.57 -0.76
C THR B 215 -13.62 0.20 -1.15
N ASN B 216 -12.52 -0.48 -1.52
CA ASN B 216 -11.24 0.20 -1.65
C ASN B 216 -11.18 0.98 -2.96
N SER B 217 -11.90 2.10 -2.96
CA SER B 217 -12.15 2.96 -4.11
C SER B 217 -11.37 4.28 -4.08
N VAL B 218 -10.49 4.49 -3.11
CA VAL B 218 -9.63 5.67 -3.09
C VAL B 218 -8.27 5.21 -3.60
N CYS B 219 -8.05 5.35 -4.89
CA CYS B 219 -6.89 4.72 -5.50
C CYS B 219 -6.00 5.79 -6.13
N PRO B 220 -4.73 5.50 -6.33
CA PRO B 220 -3.88 6.48 -7.01
C PRO B 220 -4.28 6.60 -8.47
N LYS B 221 -4.13 7.81 -8.99
CA LYS B 221 -4.32 8.04 -10.40
C LYS B 221 -3.22 7.34 -11.19
N LEU B 222 -3.60 6.68 -12.27
CA LEU B 222 -2.63 6.11 -13.22
C LEU B 222 -2.78 6.74 -14.60
N GLN C 1 3.95 14.75 -23.54
CA GLN C 1 2.90 13.98 -24.19
C GLN C 1 1.62 14.82 -24.34
N VAL C 2 1.29 15.61 -23.30
CA VAL C 2 0.27 16.64 -23.48
C VAL C 2 0.87 17.76 -24.33
N GLN C 3 0.08 18.27 -25.28
CA GLN C 3 0.49 19.36 -26.14
C GLN C 3 -0.54 20.48 -26.09
N LEU C 4 -0.06 21.73 -25.98
CA LEU C 4 -0.92 22.90 -25.95
C LEU C 4 -0.44 23.90 -26.98
N GLN C 5 -1.38 24.47 -27.75
CA GLN C 5 -1.04 25.48 -28.75
C GLN C 5 -2.09 26.58 -28.74
N GLU C 6 -1.67 27.77 -28.33
CA GLU C 6 -2.56 28.92 -28.38
C GLU C 6 -2.71 29.44 -29.82
N SER C 7 -3.83 30.15 -30.04
CA SER C 7 -4.08 30.82 -31.31
C SER C 7 -5.08 31.94 -31.08
N GLY C 8 -5.23 32.79 -32.12
CA GLY C 8 -6.24 33.80 -32.14
C GLY C 8 -5.77 35.21 -31.88
N GLY C 9 -4.49 35.40 -31.55
CA GLY C 9 -4.00 36.72 -31.23
C GLY C 9 -3.91 37.65 -32.42
N GLY C 10 -3.62 38.91 -32.13
CA GLY C 10 -3.50 39.92 -33.16
C GLY C 10 -3.51 41.32 -32.56
N SER C 11 -3.64 42.30 -33.45
CA SER C 11 -3.95 43.66 -33.04
C SER C 11 -5.46 43.84 -32.98
N VAL C 12 -5.90 44.78 -32.15
CA VAL C 12 -7.32 45.00 -31.85
C VAL C 12 -7.47 46.35 -31.17
N GLN C 13 -8.51 47.10 -31.50
CA GLN C 13 -8.69 48.42 -30.92
C GLN C 13 -9.12 48.30 -29.47
N ALA C 14 -8.79 49.32 -28.67
CA ALA C 14 -9.25 49.35 -27.29
C ALA C 14 -10.76 49.35 -27.23
N GLY C 15 -11.29 48.65 -26.24
CA GLY C 15 -12.73 48.51 -26.11
C GLY C 15 -13.34 47.41 -26.96
N GLY C 16 -12.53 46.55 -27.56
CA GLY C 16 -13.01 45.48 -28.41
C GLY C 16 -12.95 44.11 -27.75
N SER C 17 -13.40 43.12 -28.51
CA SER C 17 -13.44 41.73 -28.10
C SER C 17 -12.59 40.89 -29.03
N LEU C 18 -11.94 39.89 -28.46
CA LEU C 18 -11.09 38.98 -29.19
C LEU C 18 -11.13 37.66 -28.44
N LYS C 19 -11.18 36.55 -29.18
CA LYS C 19 -11.31 35.22 -28.60
C LYS C 19 -10.06 34.40 -28.92
N LEU C 20 -9.29 34.05 -27.88
CA LEU C 20 -8.14 33.17 -28.02
C LEU C 20 -8.55 31.71 -27.89
N SER C 21 -7.88 30.84 -28.64
CA SER C 21 -8.10 29.40 -28.59
C SER C 21 -6.86 28.68 -28.06
N CYS C 22 -7.09 27.54 -27.43
CA CYS C 22 -6.01 26.68 -26.97
C CYS C 22 -6.37 25.23 -27.31
N SER C 23 -5.64 24.65 -28.25
CA SER C 23 -5.81 23.23 -28.60
C SER C 23 -5.13 22.36 -27.55
N VAL C 24 -5.82 21.28 -27.18
CA VAL C 24 -5.38 20.38 -26.14
C VAL C 24 -5.38 18.96 -26.70
N SER C 25 -4.21 18.36 -26.77
CA SER C 25 -4.12 16.95 -27.11
C SER C 25 -3.21 16.23 -26.12
N GLY C 26 -3.36 14.92 -26.06
CA GLY C 26 -2.44 14.07 -25.35
C GLY C 26 -2.84 13.69 -23.94
N TYR C 27 -4.00 14.05 -23.49
CA TYR C 27 -4.41 13.72 -22.17
C TYR C 27 -5.12 12.42 -22.16
N THR C 28 -4.85 11.62 -21.18
CA THR C 28 -5.44 10.32 -21.04
C THR C 28 -6.50 10.15 -20.02
N TYR C 29 -6.97 11.20 -19.40
CA TYR C 29 -8.08 11.29 -18.44
C TYR C 29 -8.13 12.69 -18.85
N SER C 30 -9.04 13.59 -18.68
CA SER C 30 -10.21 13.71 -17.97
C SER C 30 -10.13 14.56 -16.75
N THR C 31 -9.28 14.25 -15.80
CA THR C 31 -9.19 15.03 -14.61
C THR C 31 -8.05 15.95 -14.67
N TYR C 32 -8.25 17.11 -15.24
CA TYR C 32 -7.20 18.05 -15.39
C TYR C 32 -7.77 19.35 -15.47
N CYS C 33 -6.99 20.36 -15.29
CA CYS C 33 -7.47 21.72 -15.42
C CYS C 33 -6.57 22.50 -16.36
N ILE C 34 -7.19 23.45 -17.06
CA ILE C 34 -6.52 24.31 -18.02
C ILE C 34 -6.67 25.75 -17.56
N ALA C 35 -5.59 26.51 -17.62
CA ALA C 35 -5.61 27.91 -17.25
C ALA C 35 -4.94 28.75 -18.32
N TRP C 36 -5.40 29.99 -18.47
CA TRP C 36 -4.75 31.00 -19.29
C TRP C 36 -3.92 31.92 -18.42
N PHE C 37 -2.75 32.28 -18.94
CA PHE C 37 -1.89 33.27 -18.34
C PHE C 37 -1.48 34.26 -19.43
N ARG C 38 -0.88 35.36 -19.01
CA ARG C 38 -0.28 36.27 -19.97
C ARG C 38 0.99 36.84 -19.37
N GLN C 39 1.81 37.41 -20.24
CA GLN C 39 3.06 38.03 -19.79
C GLN C 39 3.37 39.21 -20.68
N VAL C 40 3.54 40.38 -20.06
CA VAL C 40 4.03 41.58 -20.75
C VAL C 40 5.50 41.76 -20.40
N PRO C 41 6.40 41.90 -21.38
CA PRO C 41 7.84 41.70 -21.12
C PRO C 41 8.36 42.52 -19.96
N GLY C 42 9.44 42.03 -19.36
CA GLY C 42 9.95 42.63 -18.14
C GLY C 42 9.07 42.45 -16.94
N LYS C 43 8.01 41.66 -17.03
CA LYS C 43 7.13 41.40 -15.89
C LYS C 43 6.91 39.91 -15.74
N GLU C 44 6.24 39.53 -14.66
CA GLU C 44 6.03 38.13 -14.35
C GLU C 44 4.71 37.62 -14.92
N ARG C 45 4.68 36.32 -15.23
CA ARG C 45 3.45 35.65 -15.64
C ARG C 45 2.30 36.03 -14.72
N GLU C 46 1.16 36.35 -15.31
CA GLU C 46 -0.05 36.72 -14.57
C GLU C 46 -1.16 35.77 -14.96
N GLY C 47 -1.64 34.98 -14.00
CA GLY C 47 -2.77 34.11 -14.26
C GLY C 47 -4.05 34.90 -14.42
N LEU C 48 -4.92 34.41 -15.31
CA LEU C 48 -6.17 35.10 -15.61
C LEU C 48 -7.42 34.26 -15.38
N ALA C 49 -7.37 32.95 -15.59
CA ALA C 49 -8.58 32.16 -15.66
C ALA C 49 -8.21 30.70 -15.75
N PHE C 50 -9.08 29.84 -15.23
CA PHE C 50 -8.92 28.41 -15.40
C PHE C 50 -10.28 27.75 -15.50
N ILE C 51 -10.27 26.50 -15.95
CA ILE C 51 -11.44 25.64 -15.99
C ILE C 51 -11.02 24.26 -15.52
N LYS C 52 -11.87 23.63 -14.71
CA LYS C 52 -11.58 22.35 -14.07
C LYS C 52 -12.41 21.25 -14.71
N ASN C 53 -11.76 20.23 -15.25
CA ASN C 53 -12.51 19.25 -16.02
C ASN C 53 -12.89 18.02 -15.21
N PRO C 54 -13.59 17.06 -15.82
CA PRO C 54 -14.96 16.73 -15.43
C PRO C 54 -15.87 17.93 -15.23
N GLU C 55 -15.93 18.49 -14.02
CA GLU C 55 -17.03 19.36 -13.62
C GLU C 55 -17.27 20.50 -14.61
N GLY C 56 -16.21 21.19 -15.02
CA GLY C 56 -16.34 22.31 -15.94
C GLY C 56 -16.50 23.68 -15.28
N ASN C 57 -16.29 23.79 -13.96
CA ASN C 57 -16.34 25.06 -13.25
C ASN C 57 -15.09 25.91 -13.51
N THR C 58 -15.26 27.21 -13.28
CA THR C 58 -14.25 28.17 -13.69
C THR C 58 -14.03 29.19 -12.57
N ASP C 59 -12.95 29.96 -12.72
CA ASP C 59 -12.69 31.08 -11.83
C ASP C 59 -11.63 31.95 -12.49
N TYR C 60 -11.52 33.19 -11.98
CA TYR C 60 -10.78 34.22 -12.68
C TYR C 60 -9.95 35.05 -11.71
N ALA C 61 -8.87 35.61 -12.23
CA ALA C 61 -8.15 36.63 -11.51
C ALA C 61 -9.01 37.88 -11.39
N ASP C 62 -8.80 38.62 -10.31
CA ASP C 62 -9.57 39.87 -10.14
C ASP C 62 -9.29 40.82 -11.28
N SER C 63 -8.10 40.73 -11.88
CA SER C 63 -7.73 41.68 -12.92
C SER C 63 -8.66 41.59 -14.12
N VAL C 64 -9.30 40.44 -14.35
CA VAL C 64 -10.10 40.25 -15.54
C VAL C 64 -11.49 39.70 -15.24
N GLN C 65 -11.83 39.48 -13.98
CA GLN C 65 -13.19 39.18 -13.58
C GLN C 65 -14.17 40.13 -14.28
N GLY C 66 -15.19 39.56 -14.90
CA GLY C 66 -16.21 40.34 -15.58
C GLY C 66 -15.78 40.93 -16.91
N ARG C 67 -14.56 40.66 -17.38
CA ARG C 67 -14.12 41.04 -18.72
C ARG C 67 -13.68 39.85 -19.55
N PHE C 68 -12.89 38.93 -19.00
CA PHE C 68 -12.42 37.75 -19.70
C PHE C 68 -13.28 36.55 -19.33
N PHE C 69 -13.42 35.61 -20.26
CA PHE C 69 -14.24 34.43 -20.04
C PHE C 69 -13.59 33.18 -20.62
N ILE C 70 -13.51 32.13 -19.82
CA ILE C 70 -12.93 30.86 -20.24
C ILE C 70 -14.05 29.87 -20.46
N SER C 71 -13.89 29.01 -21.45
CA SER C 71 -14.91 28.02 -21.77
C SER C 71 -14.26 26.88 -22.54
N GLN C 72 -14.97 25.77 -22.63
CA GLN C 72 -14.45 24.58 -23.29
C GLN C 72 -15.45 24.08 -24.32
N ASP C 73 -14.94 23.83 -25.53
CA ASP C 73 -15.68 23.08 -26.53
C ASP C 73 -15.87 21.63 -26.09
N THR C 74 -17.12 21.15 -26.16
CA THR C 74 -17.43 19.81 -25.68
C THR C 74 -16.85 18.72 -26.58
N VAL C 75 -16.80 18.96 -27.90
CA VAL C 75 -16.41 17.93 -28.84
C VAL C 75 -14.89 17.88 -29.09
N ASP C 76 -14.20 18.99 -28.88
CA ASP C 76 -12.78 19.11 -29.23
C ASP C 76 -11.87 19.23 -28.02
N ASN C 77 -12.44 19.47 -26.84
CA ASN C 77 -11.74 19.94 -25.64
C ASN C 77 -10.72 21.05 -25.92
N THR C 78 -10.94 21.84 -26.96
CA THR C 78 -10.29 23.15 -27.09
C THR C 78 -10.83 24.08 -26.01
N VAL C 79 -9.98 24.93 -25.46
CA VAL C 79 -10.37 25.81 -24.37
C VAL C 79 -10.08 27.24 -24.80
N TYR C 80 -11.09 28.11 -24.70
CA TYR C 80 -11.09 29.45 -25.27
C TYR C 80 -10.98 30.54 -24.21
N LEU C 81 -10.56 31.73 -24.65
CA LEU C 81 -10.54 32.95 -23.84
C LEU C 81 -11.25 34.04 -24.62
N SER C 82 -12.52 34.26 -24.29
CA SER C 82 -13.24 35.42 -24.78
C SER C 82 -12.76 36.63 -23.98
N MET C 83 -11.96 37.49 -24.61
CA MET C 83 -11.46 38.71 -24.00
C MET C 83 -12.31 39.89 -24.47
N ASN C 84 -12.65 40.77 -23.53
CA ASN C 84 -13.57 41.86 -23.83
C ASN C 84 -13.14 43.16 -23.15
N SER C 85 -13.67 44.26 -23.66
CA SER C 85 -13.36 45.61 -23.19
C SER C 85 -11.86 45.79 -23.09
N LEU C 86 -11.19 45.51 -24.20
CA LEU C 86 -9.74 45.42 -24.18
C LEU C 86 -9.12 46.78 -23.94
N LYS C 87 -8.21 46.83 -22.98
CA LYS C 87 -7.48 48.05 -22.69
C LYS C 87 -6.01 47.83 -23.00
N PRO C 88 -5.26 48.88 -23.28
CA PRO C 88 -3.86 48.68 -23.68
C PRO C 88 -3.03 48.02 -22.60
N GLU C 89 -3.50 48.06 -21.35
CA GLU C 89 -2.91 47.27 -20.28
C GLU C 89 -2.99 45.78 -20.57
N ASP C 90 -3.86 45.35 -21.48
CA ASP C 90 -4.03 43.93 -21.78
C ASP C 90 -3.06 43.47 -22.85
N THR C 91 -2.24 44.38 -23.39
CA THR C 91 -1.24 44.01 -24.38
C THR C 91 -0.18 43.13 -23.71
N ALA C 92 0.02 41.93 -24.25
CA ALA C 92 0.94 40.96 -23.69
C ALA C 92 1.00 39.70 -24.56
N THR C 93 1.79 38.71 -24.15
CA THR C 93 1.75 37.39 -24.77
C THR C 93 0.91 36.47 -23.90
N TYR C 94 -0.07 35.81 -24.52
CA TYR C 94 -1.03 35.00 -23.79
C TYR C 94 -0.71 33.52 -23.95
N TYR C 95 -0.66 32.83 -22.81
CA TYR C 95 -0.21 31.45 -22.74
C TYR C 95 -1.32 30.55 -22.24
N CYS C 96 -1.24 29.32 -22.69
CA CYS C 96 -2.13 28.25 -22.30
C CYS C 96 -1.32 27.26 -21.47
N ALA C 97 -1.91 26.79 -20.37
CA ALA C 97 -1.19 25.84 -19.52
C ALA C 97 -2.13 24.79 -18.97
N GLY C 98 -1.56 23.62 -18.73
CA GLY C 98 -2.34 22.50 -18.24
C GLY C 98 -1.58 21.79 -17.14
N ALA C 99 -2.33 21.05 -16.35
CA ALA C 99 -1.77 20.41 -15.18
C ALA C 99 -2.20 18.95 -15.13
N VAL C 100 -1.45 18.19 -14.34
CA VAL C 100 -1.70 16.77 -14.15
C VAL C 100 -2.89 16.48 -13.25
N SER C 101 -3.39 17.46 -12.51
CA SER C 101 -4.54 17.24 -11.64
C SER C 101 -5.61 18.29 -11.83
N ASN C 102 -6.78 17.95 -11.29
CA ASN C 102 -8.01 18.74 -11.35
C ASN C 102 -7.87 20.09 -10.65
N TRP C 103 -7.22 20.11 -9.49
CA TRP C 103 -7.47 21.06 -8.41
C TRP C 103 -6.39 22.11 -8.25
N VAL C 104 -5.47 22.22 -9.21
CA VAL C 104 -4.22 22.93 -9.01
C VAL C 104 -4.35 24.37 -9.50
N CYS C 105 -5.25 24.59 -10.45
CA CYS C 105 -5.25 25.83 -11.21
C CYS C 105 -5.81 27.01 -10.41
N GLY C 106 -6.61 26.77 -9.38
CA GLY C 106 -7.07 27.88 -8.56
C GLY C 106 -5.92 28.57 -7.86
N MET C 107 -5.04 27.78 -7.25
CA MET C 107 -3.81 28.33 -6.71
C MET C 107 -2.92 28.89 -7.82
N SER C 108 -2.88 28.21 -8.97
CA SER C 108 -1.87 28.54 -9.98
C SER C 108 -2.08 29.92 -10.58
N ILE C 109 -3.31 30.24 -10.99
CA ILE C 109 -3.54 31.52 -11.66
C ILE C 109 -3.27 32.69 -10.71
N LYS C 110 -3.21 32.42 -9.44
CA LYS C 110 -2.85 33.42 -8.52
C LYS C 110 -1.39 33.33 -8.15
N SER C 111 -0.63 32.42 -8.66
CA SER C 111 0.75 32.27 -8.34
C SER C 111 1.61 32.25 -9.57
N GLN C 112 1.25 33.02 -10.56
CA GLN C 112 1.92 33.02 -11.83
C GLN C 112 2.31 31.72 -12.36
N GLY C 113 1.42 30.80 -12.19
CA GLY C 113 1.57 29.50 -12.72
C GLY C 113 2.45 28.55 -12.06
N TYR C 114 2.68 28.72 -10.79
CA TYR C 114 3.49 27.84 -10.04
C TYR C 114 3.08 26.40 -10.11
N GLY C 115 1.85 26.09 -10.10
CA GLY C 115 1.65 24.64 -10.05
C GLY C 115 1.47 23.90 -11.36
N MET C 116 1.74 24.51 -12.52
CA MET C 116 1.36 23.93 -13.80
C MET C 116 2.43 22.98 -14.32
N ASP C 117 2.01 22.02 -15.14
CA ASP C 117 2.93 21.05 -15.71
C ASP C 117 3.14 21.21 -17.20
N TYR C 118 2.20 21.82 -17.91
CA TYR C 118 2.21 21.84 -19.36
C TYR C 118 2.01 23.27 -19.84
N TRP C 119 2.86 23.72 -20.75
CA TRP C 119 2.77 25.09 -21.26
C TRP C 119 2.77 25.09 -22.78
N GLY C 120 2.03 26.02 -23.35
CA GLY C 120 2.16 26.32 -24.76
C GLY C 120 3.14 27.45 -25.01
N LYS C 121 3.42 27.69 -26.30
CA LYS C 121 4.42 28.67 -26.70
C LYS C 121 3.86 30.09 -26.73
N GLY C 122 2.55 30.25 -26.80
CA GLY C 122 1.91 31.54 -26.59
C GLY C 122 1.45 32.18 -27.89
N THR C 123 0.49 33.10 -27.74
CA THR C 123 0.00 33.92 -28.84
C THR C 123 0.08 35.39 -28.41
N GLN C 124 0.42 36.26 -29.36
CA GLN C 124 0.60 37.68 -29.07
C GLN C 124 -0.72 38.43 -29.21
N VAL C 125 -0.96 39.38 -28.30
CA VAL C 125 -2.13 40.24 -28.33
C VAL C 125 -1.67 41.67 -28.11
N THR C 126 -2.09 42.57 -29.00
CA THR C 126 -1.70 43.98 -28.95
C THR C 126 -2.94 44.83 -29.00
N VAL C 127 -3.16 45.65 -27.96
CA VAL C 127 -4.32 46.52 -27.85
C VAL C 127 -3.86 47.95 -28.07
N SER C 128 -4.27 48.56 -29.17
CA SER C 128 -3.86 49.91 -29.53
C SER C 128 -4.63 50.98 -28.77
N VAL D 2 7.04 -16.63 -22.36
CA VAL D 2 7.97 -17.74 -22.19
C VAL D 2 7.64 -18.92 -23.13
N GLN D 3 8.68 -19.52 -23.71
CA GLN D 3 8.54 -20.61 -24.68
C GLN D 3 9.55 -21.71 -24.37
N LEU D 4 9.10 -22.97 -24.44
CA LEU D 4 9.94 -24.12 -24.11
C LEU D 4 9.77 -25.22 -25.14
N GLN D 5 10.89 -25.76 -25.61
CA GLN D 5 10.87 -26.76 -26.66
C GLN D 5 11.93 -27.82 -26.37
N GLU D 6 11.50 -29.07 -26.35
CA GLU D 6 12.38 -30.21 -26.17
C GLU D 6 12.99 -30.63 -27.50
N SER D 7 14.11 -31.36 -27.42
CA SER D 7 14.74 -31.95 -28.60
C SER D 7 15.74 -33.01 -28.12
N GLY D 8 16.33 -33.72 -29.08
CA GLY D 8 17.36 -34.70 -28.79
C GLY D 8 16.88 -36.11 -28.59
N GLY D 9 15.58 -36.34 -28.42
CA GLY D 9 15.06 -37.67 -28.22
C GLY D 9 15.13 -38.53 -29.46
N GLY D 10 14.49 -39.70 -29.36
CA GLY D 10 14.49 -40.66 -30.44
C GLY D 10 14.75 -42.07 -29.96
N SER D 11 15.32 -42.90 -30.82
CA SER D 11 15.58 -44.30 -30.50
C SER D 11 16.93 -44.44 -29.80
N VAL D 12 16.91 -45.01 -28.59
CA VAL D 12 18.12 -45.26 -27.80
C VAL D 12 18.29 -46.77 -27.64
N GLN D 13 19.55 -47.20 -27.63
CA GLN D 13 19.88 -48.60 -27.39
C GLN D 13 19.56 -49.00 -25.95
N ALA D 14 19.21 -50.27 -25.76
CA ALA D 14 18.99 -50.81 -24.42
C ALA D 14 20.27 -50.73 -23.59
N GLY D 15 20.32 -49.79 -22.64
CA GLY D 15 21.50 -49.55 -21.83
C GLY D 15 22.20 -48.26 -22.16
N GLY D 16 22.03 -47.74 -23.37
CA GLY D 16 22.70 -46.53 -23.79
C GLY D 16 22.17 -45.30 -23.07
N SER D 17 22.75 -44.16 -23.42
CA SER D 17 22.40 -42.85 -22.86
C SER D 17 21.89 -41.92 -23.94
N LEU D 18 21.16 -40.88 -23.51
CA LEU D 18 20.56 -39.94 -24.45
C LEU D 18 20.47 -38.57 -23.80
N LYS D 19 20.90 -37.53 -24.52
CA LYS D 19 20.89 -36.18 -23.98
C LYS D 19 19.75 -35.38 -24.58
N LEU D 20 18.82 -34.95 -23.73
CA LEU D 20 17.70 -34.11 -24.13
C LEU D 20 18.00 -32.66 -23.75
N SER D 21 17.34 -31.74 -24.45
CA SER D 21 17.56 -30.32 -24.24
C SER D 21 16.22 -29.63 -24.03
N CYS D 22 16.28 -28.37 -23.60
CA CYS D 22 15.07 -27.57 -23.49
C CYS D 22 15.44 -26.10 -23.67
N SER D 23 15.25 -25.59 -24.89
CA SER D 23 15.52 -24.18 -25.16
C SER D 23 14.55 -23.30 -24.38
N VAL D 24 15.09 -22.26 -23.75
CA VAL D 24 14.33 -21.39 -22.86
C VAL D 24 14.42 -19.96 -23.36
N SER D 25 13.28 -19.37 -23.70
CA SER D 25 13.18 -17.96 -24.04
C SER D 25 12.07 -17.31 -23.22
N GLY D 26 12.17 -15.99 -23.07
CA GLY D 26 11.09 -15.19 -22.53
C GLY D 26 11.21 -14.85 -21.07
N TYR D 27 12.06 -15.54 -20.31
CA TYR D 27 12.23 -15.25 -18.89
C TYR D 27 12.96 -13.93 -18.71
N THR D 28 12.35 -13.02 -17.93
CA THR D 28 12.85 -11.68 -17.69
C THR D 28 13.73 -11.60 -16.45
N TYR D 29 13.25 -12.10 -15.36
CA TYR D 29 14.02 -12.08 -14.15
C TYR D 29 14.89 -13.26 -14.28
N SER D 30 15.55 -13.62 -13.19
CA SER D 30 16.41 -14.76 -13.20
C SER D 30 16.06 -15.82 -12.21
N THR D 31 14.93 -15.71 -11.56
CA THR D 31 14.56 -16.65 -10.57
C THR D 31 13.42 -17.44 -11.07
N TYR D 32 13.60 -18.73 -11.25
CA TYR D 32 12.50 -19.59 -11.69
C TYR D 32 12.91 -21.06 -11.63
N CYS D 33 11.90 -21.91 -11.76
CA CYS D 33 12.04 -23.37 -11.71
C CYS D 33 11.90 -23.92 -13.13
N ILE D 34 12.82 -24.79 -13.51
CA ILE D 34 12.75 -25.55 -14.77
C ILE D 34 12.79 -27.02 -14.42
N ALA D 35 11.79 -27.77 -14.85
CA ALA D 35 11.73 -29.18 -14.50
C ALA D 35 11.70 -30.06 -15.75
N TRP D 36 11.86 -31.36 -15.51
CA TRP D 36 11.79 -32.38 -16.55
C TRP D 36 10.84 -33.50 -16.14
N PHE D 37 10.03 -33.94 -17.10
CA PHE D 37 8.92 -34.84 -16.85
C PHE D 37 8.83 -35.87 -17.96
N ARG D 38 8.00 -36.88 -17.71
CA ARG D 38 7.73 -37.94 -18.67
C ARG D 38 6.37 -38.54 -18.38
N GLN D 39 5.84 -39.25 -19.37
CA GLN D 39 4.51 -39.83 -19.24
C GLN D 39 4.35 -40.90 -20.31
N VAL D 40 4.36 -42.15 -19.89
CA VAL D 40 4.00 -43.27 -20.77
C VAL D 40 2.47 -43.22 -20.86
N PRO D 41 1.87 -43.52 -22.02
CA PRO D 41 0.43 -43.31 -22.20
C PRO D 41 -0.42 -44.21 -21.31
N GLY D 42 -1.58 -43.68 -20.92
CA GLY D 42 -2.45 -44.33 -19.97
C GLY D 42 -2.14 -44.05 -18.52
N LYS D 43 -1.08 -43.28 -18.23
CA LYS D 43 -0.60 -43.03 -16.89
C LYS D 43 -0.39 -41.54 -16.70
N GLU D 44 -0.03 -41.16 -15.49
CA GLU D 44 0.15 -39.76 -15.13
C GLU D 44 1.60 -39.33 -15.36
N ARG D 45 1.78 -38.02 -15.50
CA ARG D 45 3.12 -37.47 -15.60
C ARG D 45 3.92 -37.75 -14.33
N GLU D 46 5.15 -38.18 -14.52
CA GLU D 46 6.12 -38.38 -13.46
C GLU D 46 7.08 -37.19 -13.43
N GLY D 47 7.42 -36.73 -12.23
CA GLY D 47 8.48 -35.74 -12.09
C GLY D 47 9.86 -36.38 -12.09
N LEU D 48 10.81 -35.72 -12.74
CA LEU D 48 12.17 -36.24 -12.85
C LEU D 48 13.19 -35.31 -12.20
N ALA D 49 13.67 -34.32 -12.95
CA ALA D 49 14.72 -33.44 -12.48
C ALA D 49 14.24 -31.99 -12.51
N PHE D 50 14.82 -31.15 -11.65
CA PHE D 50 14.42 -29.74 -11.61
C PHE D 50 15.63 -28.86 -11.33
N ILE D 51 15.57 -27.64 -11.85
CA ILE D 51 16.61 -26.64 -11.61
C ILE D 51 16.01 -25.41 -10.94
N LYS D 52 16.80 -24.77 -10.10
CA LYS D 52 16.40 -23.56 -9.37
C LYS D 52 17.39 -22.45 -9.65
N ASN D 53 16.90 -21.31 -10.12
CA ASN D 53 17.84 -20.29 -10.59
C ASN D 53 18.02 -19.08 -9.67
N PRO D 54 18.30 -19.27 -8.35
CA PRO D 54 19.05 -18.25 -7.61
C PRO D 54 20.51 -18.64 -7.46
N GLU D 55 20.81 -19.92 -7.67
CA GLU D 55 22.12 -20.45 -7.37
C GLU D 55 22.48 -21.62 -8.28
N GLY D 56 21.47 -22.31 -8.80
CA GLY D 56 21.69 -23.49 -9.61
C GLY D 56 21.51 -24.82 -8.89
N ASN D 57 21.00 -24.81 -7.67
CA ASN D 57 20.73 -26.06 -6.99
C ASN D 57 19.71 -26.88 -7.78
N THR D 58 19.95 -28.19 -7.82
CA THR D 58 19.09 -29.12 -8.52
C THR D 58 18.74 -30.28 -7.60
N ASP D 59 17.66 -30.98 -7.93
CA ASP D 59 17.45 -32.31 -7.38
C ASP D 59 16.68 -33.15 -8.39
N TYR D 60 16.59 -34.44 -8.08
CA TYR D 60 16.10 -35.43 -9.01
C TYR D 60 15.21 -36.40 -8.25
N ALA D 61 14.08 -36.78 -8.86
CA ALA D 61 13.22 -37.79 -8.24
C ALA D 61 14.02 -39.09 -8.06
N ASP D 62 13.57 -39.93 -7.12
CA ASP D 62 14.39 -41.05 -6.66
C ASP D 62 14.42 -42.25 -7.60
N SER D 63 13.57 -42.28 -8.64
CA SER D 63 13.59 -43.35 -9.63
C SER D 63 14.58 -43.11 -10.76
N VAL D 64 15.32 -42.01 -10.73
CA VAL D 64 16.32 -41.68 -11.75
C VAL D 64 17.60 -41.21 -11.07
N GLN D 65 17.66 -41.36 -9.74
CA GLN D 65 18.81 -40.92 -8.95
C GLN D 65 20.11 -41.45 -9.51
N GLY D 66 21.05 -40.53 -9.78
CA GLY D 66 22.38 -40.91 -10.22
C GLY D 66 22.43 -41.58 -11.59
N ARG D 67 21.31 -41.58 -12.30
CA ARG D 67 21.23 -41.94 -13.71
C ARG D 67 20.92 -40.74 -14.60
N PHE D 68 19.99 -39.88 -14.20
CA PHE D 68 19.63 -38.69 -14.97
C PHE D 68 20.27 -37.46 -14.34
N PHE D 69 20.76 -36.55 -15.19
CA PHE D 69 21.61 -35.46 -14.74
C PHE D 69 21.20 -34.18 -15.44
N ILE D 70 20.49 -33.31 -14.71
CA ILE D 70 20.01 -32.05 -15.25
C ILE D 70 21.14 -31.03 -15.19
N SER D 71 21.49 -30.48 -16.34
CA SER D 71 22.52 -29.47 -16.47
C SER D 71 21.89 -28.23 -17.10
N GLN D 72 22.57 -27.10 -16.98
CA GLN D 72 22.11 -25.91 -17.66
C GLN D 72 23.30 -25.20 -18.29
N ASP D 73 23.12 -24.80 -19.55
CA ASP D 73 24.13 -24.06 -20.27
C ASP D 73 24.42 -22.73 -19.59
N THR D 74 25.71 -22.36 -19.53
CA THR D 74 26.10 -21.12 -18.89
C THR D 74 25.54 -19.91 -19.63
N VAL D 75 25.79 -19.84 -20.94
CA VAL D 75 25.36 -18.67 -21.70
C VAL D 75 23.97 -18.83 -22.30
N ASP D 76 23.61 -20.04 -22.71
CA ASP D 76 22.37 -20.24 -23.47
C ASP D 76 21.12 -20.23 -22.61
N ASN D 77 21.27 -20.44 -21.29
CA ASN D 77 20.19 -20.75 -20.35
C ASN D 77 19.22 -21.78 -20.93
N THR D 78 19.76 -22.76 -21.67
CA THR D 78 19.01 -23.93 -22.08
C THR D 78 19.38 -25.09 -21.16
N VAL D 79 18.39 -25.83 -20.71
CA VAL D 79 18.59 -26.88 -19.71
C VAL D 79 18.67 -28.21 -20.43
N TYR D 80 19.57 -29.07 -19.95
CA TYR D 80 19.82 -30.36 -20.55
C TYR D 80 19.39 -31.45 -19.58
N LEU D 81 19.25 -32.66 -20.12
CA LEU D 81 18.94 -33.83 -19.30
C LEU D 81 19.70 -35.01 -19.90
N SER D 82 20.91 -35.22 -19.42
CA SER D 82 21.65 -36.45 -19.74
C SER D 82 21.06 -37.61 -18.93
N MET D 83 20.50 -38.59 -19.63
CA MET D 83 19.92 -39.80 -19.03
C MET D 83 20.82 -40.99 -19.31
N ASN D 84 20.97 -41.87 -18.32
CA ASN D 84 21.89 -43.01 -18.44
C ASN D 84 21.25 -44.30 -17.92
N SER D 85 21.84 -45.43 -18.31
CA SER D 85 21.34 -46.77 -18.00
C SER D 85 19.86 -46.94 -18.37
N LEU D 86 19.52 -46.52 -19.59
CA LEU D 86 18.13 -46.44 -20.01
C LEU D 86 17.55 -47.84 -20.26
N LYS D 87 16.44 -48.14 -19.58
CA LYS D 87 15.62 -49.32 -19.64
C LYS D 87 14.35 -49.04 -20.45
N PRO D 88 13.71 -50.07 -21.01
CA PRO D 88 12.38 -49.84 -21.62
C PRO D 88 11.41 -49.11 -20.70
N GLU D 89 11.45 -49.38 -19.40
CA GLU D 89 10.61 -48.66 -18.45
C GLU D 89 10.86 -47.16 -18.50
N ASP D 90 11.90 -46.71 -19.21
CA ASP D 90 12.19 -45.29 -19.32
C ASP D 90 11.55 -44.64 -20.55
N THR D 91 10.95 -45.46 -21.44
CA THR D 91 10.25 -44.97 -22.63
C THR D 91 9.03 -44.13 -22.26
N ALA D 92 8.98 -42.90 -22.76
CA ALA D 92 7.88 -41.97 -22.44
C ALA D 92 8.05 -40.75 -23.33
N THR D 93 7.03 -39.89 -23.32
CA THR D 93 7.13 -38.55 -23.88
C THR D 93 7.71 -37.63 -22.80
N TYR D 94 8.86 -37.02 -23.08
CA TYR D 94 9.58 -36.21 -22.10
C TYR D 94 9.20 -34.75 -22.26
N TYR D 95 8.59 -34.18 -21.24
CA TYR D 95 8.16 -32.80 -21.24
C TYR D 95 9.15 -31.94 -20.45
N CYS D 96 9.24 -30.67 -20.86
CA CYS D 96 10.00 -29.65 -20.15
C CYS D 96 9.01 -28.61 -19.61
N ALA D 97 9.28 -28.09 -18.42
CA ALA D 97 8.29 -27.29 -17.73
C ALA D 97 8.96 -26.17 -16.96
N GLY D 98 8.34 -24.98 -17.03
CA GLY D 98 8.85 -23.80 -16.34
C GLY D 98 7.79 -23.33 -15.37
N ALA D 99 8.22 -22.62 -14.32
CA ALA D 99 7.32 -21.98 -13.37
C ALA D 99 7.72 -20.53 -13.18
N VAL D 100 6.95 -19.83 -12.37
CA VAL D 100 7.11 -18.39 -12.22
C VAL D 100 8.05 -17.99 -11.08
N SER D 101 8.32 -18.91 -10.15
CA SER D 101 9.27 -18.69 -9.07
C SER D 101 10.08 -19.96 -8.96
N ASN D 102 10.97 -20.02 -7.97
CA ASN D 102 11.92 -21.11 -7.94
C ASN D 102 11.68 -22.12 -6.83
N TRP D 103 11.09 -21.70 -5.72
CA TRP D 103 10.77 -22.63 -4.64
C TRP D 103 9.68 -23.64 -5.03
N VAL D 104 8.90 -23.35 -6.07
CA VAL D 104 7.90 -24.28 -6.61
C VAL D 104 8.64 -25.21 -7.53
N CYS D 105 9.13 -26.33 -7.00
CA CYS D 105 9.99 -27.17 -7.83
C CYS D 105 10.09 -28.57 -7.28
N GLY D 106 10.81 -28.74 -6.17
CA GLY D 106 10.84 -30.03 -5.50
C GLY D 106 9.44 -30.60 -5.30
N MET D 107 8.47 -29.73 -5.05
CA MET D 107 7.09 -30.17 -4.83
C MET D 107 6.46 -30.72 -6.11
N SER D 108 6.51 -29.96 -7.22
CA SER D 108 5.92 -30.42 -8.48
C SER D 108 6.66 -31.63 -9.05
N ILE D 109 7.95 -31.75 -8.72
CA ILE D 109 8.70 -32.94 -9.05
C ILE D 109 8.18 -34.13 -8.25
N LYS D 110 7.49 -33.88 -7.17
CA LYS D 110 6.88 -34.95 -6.44
C LYS D 110 5.42 -35.02 -6.57
N SER D 111 4.86 -34.31 -7.51
CA SER D 111 3.43 -34.28 -7.69
C SER D 111 2.91 -34.11 -9.11
N GLN D 112 3.63 -34.71 -10.06
CA GLN D 112 3.37 -34.67 -11.51
C GLN D 112 3.09 -33.37 -12.17
N GLY D 113 3.89 -32.41 -11.82
CA GLY D 113 3.81 -31.06 -12.34
C GLY D 113 2.76 -30.12 -11.85
N TYR D 114 2.24 -30.32 -10.66
CA TYR D 114 1.10 -29.54 -10.19
C TYR D 114 1.33 -28.04 -10.28
N GLY D 115 2.46 -27.54 -9.78
CA GLY D 115 2.64 -26.10 -9.71
C GLY D 115 3.32 -25.45 -10.88
N MET D 116 3.67 -26.21 -11.93
CA MET D 116 4.40 -25.66 -13.06
C MET D 116 3.50 -24.82 -13.96
N ASP D 117 4.06 -23.75 -14.52
CA ASP D 117 3.33 -22.79 -15.34
C ASP D 117 3.50 -22.99 -16.85
N TYR D 118 4.75 -23.07 -17.36
CA TYR D 118 5.00 -23.14 -18.79
C TYR D 118 5.41 -24.54 -19.19
N TRP D 119 4.94 -25.00 -20.36
CA TRP D 119 5.17 -26.38 -20.76
C TRP D 119 5.59 -26.45 -22.22
N GLY D 120 6.37 -27.50 -22.53
CA GLY D 120 6.70 -27.83 -23.89
C GLY D 120 5.75 -28.87 -24.46
N LYS D 121 5.83 -29.06 -25.77
CA LYS D 121 5.04 -30.06 -26.46
C LYS D 121 5.57 -31.48 -26.25
N GLY D 122 6.74 -31.60 -25.63
CA GLY D 122 7.34 -32.90 -25.38
C GLY D 122 8.11 -33.43 -26.58
N THR D 123 9.02 -34.36 -26.30
CA THR D 123 9.70 -35.13 -27.32
C THR D 123 9.59 -36.60 -26.93
N GLN D 124 9.85 -37.48 -27.89
CA GLN D 124 9.64 -38.92 -27.70
C GLN D 124 10.96 -39.65 -27.48
N VAL D 125 11.02 -40.48 -26.43
CA VAL D 125 12.17 -41.32 -26.12
C VAL D 125 11.68 -42.76 -26.00
N THR D 126 12.22 -43.63 -26.85
CA THR D 126 11.91 -45.05 -26.81
C THR D 126 13.20 -45.85 -26.66
N VAL D 127 13.31 -46.61 -25.58
CA VAL D 127 14.42 -47.52 -25.39
C VAL D 127 13.99 -48.92 -25.78
N SER D 128 14.86 -49.65 -26.45
CA SER D 128 14.52 -50.95 -27.02
C SER D 128 14.52 -52.06 -25.97
#